data_8WLW
#
_entry.id   8WLW
#
_cell.length_a   46.750
_cell.length_b   85.300
_cell.length_c   76.460
_cell.angle_alpha   90.000
_cell.angle_beta   102.491
_cell.angle_gamma   90.000
#
_symmetry.space_group_name_H-M   'P 1 21 1'
#
loop_
_entity.id
_entity.type
_entity.pdbx_description
1 polymer 'CMP/dCMP deaminase, zinc-binding protein'
2 non-polymer 1~{H}-1,3,5-triazine-2,4-dione
3 non-polymer GLYCEROL
4 non-polymer 'ZINC ION'
5 water water
#
_entity_poly.entity_id   1
_entity_poly.type   'polypeptide(L)'
_entity_poly.pdbx_seq_one_letter_code
;AISDADLKYLRRCVDLAREALDDGDEPFGSVLVDHTGTTLFEDRNRVKDGDATAHPEFAIARWAARHLTPDRRARATVYT
SGEHCPMCAAAHAWVGLGRIVYATSSAQLGGWLTEWGAQAPVATLPINTVAPGVVVDGPAEELAETMHNLYRAKFGR
;
_entity_poly.pdbx_strand_id   A,C,B,D
#
loop_
_chem_comp.id
_chem_comp.type
_chem_comp.name
_chem_comp.formula
GOL non-polymer GLYCEROL 'C3 H8 O3'
WHC non-polymer 1~{H}-1,3,5-triazine-2,4-dione 'C3 H3 N3 O2'
ZN non-polymer 'ZINC ION' 'Zn 2'
#
# COMPACT_ATOMS: atom_id res chain seq x y z
N ALA A 1 0.63 -25.94 0.43
CA ALA A 1 -0.14 -24.93 1.20
C ALA A 1 -1.61 -24.94 0.77
N ILE A 2 -1.90 -25.52 -0.39
CA ILE A 2 -3.26 -25.81 -0.81
C ILE A 2 -3.42 -27.34 -0.85
N SER A 3 -4.19 -27.86 0.11
CA SER A 3 -4.46 -29.29 0.21
C SER A 3 -5.50 -29.73 -0.83
N ASP A 4 -5.71 -31.06 -0.98
CA ASP A 4 -6.81 -31.58 -1.77
C ASP A 4 -8.15 -31.03 -1.32
N ALA A 5 -8.41 -31.00 0.00
CA ALA A 5 -9.68 -30.49 0.52
C ALA A 5 -9.79 -29.01 0.19
N ASP A 6 -8.68 -28.28 0.30
CA ASP A 6 -8.72 -26.87 -0.02
C ASP A 6 -9.11 -26.66 -1.47
N LEU A 7 -8.52 -27.46 -2.37
CA LEU A 7 -8.83 -27.30 -3.78
C LEU A 7 -10.29 -27.64 -4.11
N LYS A 8 -10.90 -28.60 -3.42
CA LYS A 8 -12.30 -28.90 -3.57
C LYS A 8 -13.16 -27.67 -3.25
N TYR A 9 -12.84 -26.99 -2.14
CA TYR A 9 -13.59 -25.78 -1.77
C TYR A 9 -13.37 -24.67 -2.80
N LEU A 10 -12.15 -24.50 -3.30
CA LEU A 10 -11.91 -23.52 -4.34
C LEU A 10 -12.71 -23.85 -5.60
N ARG A 11 -12.87 -25.14 -5.92
CA ARG A 11 -13.67 -25.50 -7.07
C ARG A 11 -15.15 -25.14 -6.86
N ARG A 12 -15.67 -25.26 -5.65
CA ARG A 12 -16.98 -24.79 -5.33
C ARG A 12 -17.10 -23.29 -5.49
N CYS A 13 -16.04 -22.56 -5.10
CA CYS A 13 -16.07 -21.12 -5.30
C CYS A 13 -16.19 -20.72 -6.76
N VAL A 14 -15.48 -21.44 -7.64
CA VAL A 14 -15.54 -21.20 -9.07
C VAL A 14 -16.96 -21.47 -9.57
N ASP A 15 -17.57 -22.57 -9.11
CA ASP A 15 -18.98 -22.86 -9.42
C ASP A 15 -19.88 -21.70 -8.99
N LEU A 16 -19.66 -21.12 -7.80
CA LEU A 16 -20.47 -19.99 -7.35
C LEU A 16 -20.23 -18.75 -8.21
N ALA A 17 -18.96 -18.53 -8.59
CA ALA A 17 -18.63 -17.44 -9.50
C ALA A 17 -19.34 -17.63 -10.82
N ARG A 18 -19.40 -18.87 -11.34
CA ARG A 18 -20.11 -19.12 -12.60
C ARG A 18 -21.62 -18.85 -12.45
N GLU A 19 -22.22 -19.26 -11.32
CA GLU A 19 -23.60 -18.91 -11.02
C GLU A 19 -23.81 -17.39 -11.06
N ALA A 20 -22.88 -16.63 -10.48
CA ALA A 20 -23.00 -15.19 -10.45
C ALA A 20 -23.00 -14.65 -11.88
N LEU A 21 -22.09 -15.18 -12.69
CA LEU A 21 -21.85 -14.68 -14.04
C LEU A 21 -23.13 -14.92 -14.83
N ASP A 22 -23.67 -16.11 -14.69
CA ASP A 22 -24.85 -16.48 -15.45
C ASP A 22 -26.04 -15.62 -15.05
N ASP A 23 -26.10 -15.18 -13.77
CA ASP A 23 -27.20 -14.39 -13.28
C ASP A 23 -27.06 -12.90 -13.59
N GLY A 24 -25.98 -12.46 -14.28
CA GLY A 24 -25.79 -11.06 -14.64
C GLY A 24 -24.92 -10.27 -13.66
N ASP A 25 -24.38 -10.98 -12.66
CA ASP A 25 -23.48 -10.38 -11.69
C ASP A 25 -22.04 -10.65 -12.14
N GLU A 26 -21.07 -10.32 -11.26
CA GLU A 26 -19.67 -10.51 -11.59
C GLU A 26 -19.17 -11.81 -10.95
N PRO A 27 -18.21 -12.50 -11.63
CA PRO A 27 -17.77 -13.84 -11.24
C PRO A 27 -16.83 -13.99 -10.03
N PHE A 28 -17.43 -13.81 -8.86
CA PHE A 28 -16.77 -14.01 -7.59
C PHE A 28 -17.63 -14.88 -6.70
N GLY A 29 -17.02 -15.91 -6.09
CA GLY A 29 -17.72 -16.79 -5.19
C GLY A 29 -16.85 -17.09 -3.98
N SER A 30 -17.51 -17.37 -2.87
N SER A 30 -17.49 -17.38 -2.85
CA SER A 30 -16.82 -17.54 -1.61
CA SER A 30 -16.74 -17.55 -1.62
C SER A 30 -17.52 -18.56 -0.73
C SER A 30 -17.50 -18.46 -0.67
N VAL A 31 -16.75 -19.28 0.09
CA VAL A 31 -17.32 -20.22 1.05
C VAL A 31 -16.60 -20.10 2.38
N LEU A 32 -17.37 -20.17 3.47
CA LEU A 32 -16.85 -20.15 4.81
C LEU A 32 -16.98 -21.55 5.37
N VAL A 33 -15.89 -22.11 5.87
CA VAL A 33 -15.82 -23.49 6.35
C VAL A 33 -15.36 -23.49 7.79
N ASP A 34 -16.09 -24.23 8.63
CA ASP A 34 -15.73 -24.43 10.03
C ASP A 34 -14.50 -25.33 10.16
N HIS A 35 -13.88 -25.35 11.33
CA HIS A 35 -12.76 -26.22 11.62
C HIS A 35 -13.11 -27.70 11.52
N THR A 36 -14.41 -28.05 11.53
CA THR A 36 -14.82 -29.45 11.45
C THR A 36 -14.93 -29.90 10.00
N GLY A 37 -14.78 -28.97 9.06
CA GLY A 37 -14.98 -29.27 7.67
C GLY A 37 -16.42 -29.07 7.18
N THR A 38 -17.30 -28.51 8.02
CA THR A 38 -18.66 -28.19 7.59
C THR A 38 -18.70 -26.80 6.92
N THR A 39 -19.38 -26.71 5.76
CA THR A 39 -19.66 -25.45 5.11
C THR A 39 -20.69 -24.69 5.93
N LEU A 40 -20.34 -23.49 6.38
CA LEU A 40 -21.25 -22.68 7.19
C LEU A 40 -22.09 -21.73 6.33
N PHE A 41 -21.53 -21.17 5.25
CA PHE A 41 -22.23 -20.15 4.47
C PHE A 41 -21.48 -20.07 3.17
N GLU A 42 -22.25 -19.98 2.09
CA GLU A 42 -21.72 -19.84 0.73
C GLU A 42 -22.37 -18.61 0.15
N ASP A 43 -21.61 -17.84 -0.67
CA ASP A 43 -22.20 -16.65 -1.28
C ASP A 43 -21.49 -16.33 -2.58
N ARG A 44 -22.11 -15.42 -3.34
CA ARG A 44 -21.47 -14.99 -4.55
C ARG A 44 -21.80 -13.53 -4.73
N ASN A 45 -21.12 -12.92 -5.68
CA ASN A 45 -21.27 -11.51 -5.98
C ASN A 45 -22.70 -11.17 -6.42
N ARG A 46 -23.22 -10.02 -5.94
CA ARG A 46 -24.60 -9.62 -6.24
C ARG A 46 -24.71 -8.15 -6.59
N VAL A 47 -23.77 -7.63 -7.37
CA VAL A 47 -23.71 -6.21 -7.65
C VAL A 47 -24.72 -5.76 -8.71
N LYS A 48 -25.40 -6.66 -9.43
CA LYS A 48 -26.22 -6.21 -10.55
C LYS A 48 -27.41 -5.33 -10.13
N ASP A 49 -27.84 -5.40 -8.86
CA ASP A 49 -28.96 -4.59 -8.40
C ASP A 49 -28.50 -3.18 -7.99
N GLY A 50 -27.21 -2.89 -8.21
CA GLY A 50 -26.71 -1.53 -8.19
C GLY A 50 -25.86 -1.18 -6.96
N ASP A 51 -25.59 -2.15 -6.08
CA ASP A 51 -24.70 -1.94 -4.95
C ASP A 51 -23.38 -2.65 -5.23
N ALA A 52 -22.39 -1.84 -5.56
CA ALA A 52 -21.09 -2.33 -5.97
C ALA A 52 -20.35 -2.96 -4.79
N THR A 53 -20.89 -2.80 -3.57
CA THR A 53 -20.25 -3.38 -2.39
C THR A 53 -20.77 -4.79 -2.09
N ALA A 54 -21.61 -5.36 -2.98
CA ALA A 54 -22.22 -6.68 -2.72
C ALA A 54 -21.24 -7.81 -3.07
N HIS A 55 -20.11 -7.88 -2.32
CA HIS A 55 -19.09 -8.89 -2.53
C HIS A 55 -19.34 -10.02 -1.54
N PRO A 56 -19.08 -11.31 -1.92
CA PRO A 56 -19.40 -12.42 -1.06
C PRO A 56 -18.50 -12.55 0.16
N GLU A 57 -17.22 -12.16 0.04
CA GLU A 57 -16.32 -12.21 1.21
C GLU A 57 -16.82 -11.24 2.29
N PHE A 58 -17.37 -10.11 1.90
CA PHE A 58 -17.86 -9.18 2.88
C PHE A 58 -19.08 -9.76 3.59
N ALA A 59 -19.98 -10.39 2.83
CA ALA A 59 -21.15 -11.02 3.42
C ALA A 59 -20.71 -12.09 4.42
N ILE A 60 -19.65 -12.80 4.08
CA ILE A 60 -19.14 -13.82 4.97
C ILE A 60 -18.60 -13.17 6.24
N ALA A 61 -17.91 -12.03 6.11
CA ALA A 61 -17.40 -11.39 7.31
C ALA A 61 -18.55 -11.01 8.25
N ARG A 62 -19.62 -10.45 7.70
CA ARG A 62 -20.76 -10.08 8.54
C ARG A 62 -21.48 -11.31 9.09
N TRP A 63 -21.55 -12.40 8.31
CA TRP A 63 -22.17 -13.64 8.76
C TRP A 63 -21.41 -14.16 9.99
N ALA A 64 -20.07 -14.15 9.88
CA ALA A 64 -19.19 -14.59 10.95
C ALA A 64 -19.43 -13.75 12.21
N ALA A 65 -19.48 -12.42 12.07
CA ALA A 65 -19.65 -11.51 13.20
C ALA A 65 -21.00 -11.77 13.89
N ARG A 66 -22.05 -12.10 13.11
CA ARG A 66 -23.37 -12.41 13.65
C ARG A 66 -23.39 -13.78 14.35
N HIS A 67 -22.84 -14.83 13.75
CA HIS A 67 -23.15 -16.20 14.17
C HIS A 67 -22.04 -16.90 14.92
N LEU A 68 -20.81 -16.40 14.87
CA LEU A 68 -19.70 -17.15 15.43
C LEU A 68 -19.03 -16.40 16.57
N THR A 69 -18.65 -17.11 17.64
CA THR A 69 -17.80 -16.50 18.63
C THR A 69 -16.45 -16.16 18.04
N PRO A 70 -15.68 -15.22 18.63
CA PRO A 70 -14.30 -14.95 18.17
C PRO A 70 -13.42 -16.19 18.07
N ASP A 71 -13.46 -17.14 19.04
CA ASP A 71 -12.64 -18.34 18.94
C ASP A 71 -13.01 -19.14 17.69
N ARG A 72 -14.31 -19.26 17.36
CA ARG A 72 -14.70 -20.05 16.22
C ARG A 72 -14.32 -19.34 14.92
N ARG A 73 -14.43 -18.01 14.88
CA ARG A 73 -14.01 -17.26 13.70
C ARG A 73 -12.56 -17.48 13.37
N ALA A 74 -11.72 -17.51 14.42
CA ALA A 74 -10.29 -17.65 14.24
C ALA A 74 -9.93 -19.04 13.70
N ARG A 75 -10.81 -20.02 13.86
CA ARG A 75 -10.55 -21.37 13.40
C ARG A 75 -11.24 -21.65 12.06
N ALA A 76 -12.06 -20.72 11.58
CA ALA A 76 -12.77 -20.90 10.31
C ALA A 76 -11.86 -20.50 9.17
N THR A 77 -12.17 -21.03 7.98
CA THR A 77 -11.44 -20.72 6.76
C THR A 77 -12.39 -20.13 5.74
N VAL A 78 -11.88 -19.13 5.00
CA VAL A 78 -12.62 -18.53 3.93
C VAL A 78 -11.87 -18.89 2.65
N TYR A 79 -12.63 -19.52 1.76
CA TYR A 79 -12.17 -19.81 0.40
C TYR A 79 -12.82 -18.80 -0.53
N THR A 80 -12.07 -18.34 -1.54
CA THR A 80 -12.62 -17.41 -2.53
C THR A 80 -12.01 -17.70 -3.90
N SER A 81 -12.83 -17.46 -4.92
CA SER A 81 -12.40 -17.61 -6.29
C SER A 81 -11.37 -16.55 -6.66
N GLY A 82 -11.55 -15.36 -6.13
CA GLY A 82 -10.65 -14.23 -6.34
C GLY A 82 -10.24 -13.61 -5.02
N GLU A 83 -8.94 -13.32 -4.87
CA GLU A 83 -8.37 -12.69 -3.67
C GLU A 83 -9.20 -11.47 -3.27
N HIS A 84 -9.52 -11.39 -1.99
CA HIS A 84 -10.25 -10.28 -1.40
C HIS A 84 -9.70 -8.95 -1.88
N CYS A 85 -10.63 -8.08 -2.33
CA CYS A 85 -10.34 -6.68 -2.53
C CYS A 85 -10.10 -6.04 -1.16
N PRO A 86 -9.56 -4.82 -1.10
CA PRO A 86 -9.25 -4.21 0.19
C PRO A 86 -10.47 -4.03 1.10
N MET A 87 -11.67 -3.79 0.52
CA MET A 87 -12.87 -3.71 1.32
C MET A 87 -13.03 -4.98 2.13
N CYS A 88 -12.96 -6.11 1.42
CA CYS A 88 -13.26 -7.42 1.97
C CYS A 88 -12.14 -7.92 2.86
N ALA A 89 -10.87 -7.61 2.52
CA ALA A 89 -9.74 -8.03 3.35
C ALA A 89 -9.82 -7.33 4.70
N ALA A 90 -10.14 -6.04 4.70
CA ALA A 90 -10.25 -5.25 5.93
C ALA A 90 -11.40 -5.79 6.79
N ALA A 91 -12.54 -6.08 6.17
CA ALA A 91 -13.71 -6.56 6.89
C ALA A 91 -13.38 -7.89 7.56
N HIS A 92 -12.69 -8.77 6.85
CA HIS A 92 -12.25 -10.07 7.35
C HIS A 92 -11.39 -9.89 8.61
N ALA A 93 -10.44 -8.98 8.56
CA ALA A 93 -9.59 -8.67 9.71
C ALA A 93 -10.34 -8.00 10.86
N TRP A 94 -11.23 -7.04 10.55
CA TRP A 94 -12.00 -6.40 11.58
C TRP A 94 -12.77 -7.43 12.41
N VAL A 95 -13.35 -8.43 11.75
CA VAL A 95 -14.20 -9.35 12.48
C VAL A 95 -13.39 -10.48 13.09
N GLY A 96 -12.11 -10.63 12.72
CA GLY A 96 -11.23 -11.61 13.35
C GLY A 96 -11.40 -13.00 12.75
N LEU A 97 -11.72 -13.11 11.46
CA LEU A 97 -11.65 -14.40 10.78
C LEU A 97 -10.21 -14.85 10.55
N GLY A 98 -10.06 -16.11 10.16
CA GLY A 98 -8.76 -16.74 10.13
C GLY A 98 -8.20 -16.85 8.70
N ARG A 99 -7.82 -18.06 8.31
CA ARG A 99 -7.11 -18.30 7.06
C ARG A 99 -7.97 -17.93 5.86
N ILE A 100 -7.33 -17.37 4.83
CA ILE A 100 -7.92 -17.18 3.51
C ILE A 100 -7.14 -18.02 2.50
N VAL A 101 -7.89 -18.73 1.65
CA VAL A 101 -7.38 -19.44 0.51
C VAL A 101 -8.07 -18.86 -0.72
N TYR A 102 -7.26 -18.48 -1.72
CA TYR A 102 -7.85 -17.94 -2.94
C TYR A 102 -7.33 -18.67 -4.16
N ALA A 103 -8.18 -18.70 -5.21
CA ALA A 103 -7.83 -19.40 -6.43
C ALA A 103 -6.97 -18.50 -7.32
N THR A 104 -7.33 -17.23 -7.47
CA THR A 104 -6.53 -16.32 -8.28
C THR A 104 -6.27 -15.06 -7.45
N SER A 105 -5.10 -14.45 -7.69
CA SER A 105 -4.72 -13.27 -6.95
C SER A 105 -5.34 -12.04 -7.59
N SER A 106 -5.35 -10.97 -6.82
CA SER A 106 -5.85 -9.71 -7.33
C SER A 106 -4.86 -9.12 -8.33
N ALA A 107 -3.57 -9.43 -8.22
CA ALA A 107 -2.61 -9.02 -9.25
C ALA A 107 -2.90 -9.70 -10.59
N GLN A 108 -3.19 -11.00 -10.58
CA GLN A 108 -3.58 -11.76 -11.76
C GLN A 108 -4.79 -11.10 -12.42
N LEU A 109 -5.85 -10.86 -11.65
CA LEU A 109 -7.02 -10.19 -12.20
C LEU A 109 -6.69 -8.79 -12.68
N GLY A 110 -5.91 -8.04 -11.91
CA GLY A 110 -5.55 -6.71 -12.34
C GLY A 110 -4.83 -6.71 -13.68
N GLY A 111 -3.88 -7.63 -13.89
CA GLY A 111 -3.22 -7.74 -15.19
C GLY A 111 -4.23 -8.01 -16.31
N TRP A 112 -5.14 -8.92 -16.05
CA TRP A 112 -6.09 -9.30 -17.11
C TRP A 112 -7.01 -8.13 -17.42
N LEU A 113 -7.55 -7.44 -16.40
CA LEU A 113 -8.39 -6.28 -16.58
C LEU A 113 -7.68 -5.22 -17.41
N THR A 114 -6.37 -5.05 -17.20
CA THR A 114 -5.62 -4.06 -17.96
C THR A 114 -5.62 -4.44 -19.44
N GLU A 115 -5.44 -5.73 -19.74
CA GLU A 115 -5.54 -6.23 -21.11
C GLU A 115 -6.87 -5.82 -21.75
N TRP A 116 -7.95 -5.71 -20.98
CA TRP A 116 -9.27 -5.43 -21.55
C TRP A 116 -9.70 -3.98 -21.39
N GLY A 117 -8.82 -3.15 -20.81
CA GLY A 117 -9.18 -1.81 -20.34
C GLY A 117 -10.35 -1.73 -19.37
N ALA A 118 -10.41 -2.58 -18.33
CA ALA A 118 -11.54 -2.61 -17.41
C ALA A 118 -11.08 -2.45 -15.95
N GLN A 119 -10.16 -1.51 -15.70
CA GLN A 119 -9.54 -1.28 -14.39
C GLN A 119 -10.58 -0.90 -13.33
N ALA A 120 -10.46 -1.46 -12.11
CA ALA A 120 -11.33 -1.10 -10.99
C ALA A 120 -10.89 0.25 -10.38
N PRO A 121 -11.80 0.96 -9.69
CA PRO A 121 -11.47 2.17 -8.93
C PRO A 121 -10.86 1.92 -7.57
N VAL A 122 -10.70 0.64 -7.21
CA VAL A 122 -10.06 0.24 -5.99
C VAL A 122 -8.76 -0.46 -6.36
N ALA A 123 -7.68 -0.13 -5.64
CA ALA A 123 -6.36 -0.69 -5.87
C ALA A 123 -6.32 -2.19 -5.63
N THR A 124 -5.47 -2.89 -6.41
CA THR A 124 -5.28 -4.33 -6.28
C THR A 124 -4.20 -4.66 -5.26
N LEU A 125 -4.45 -4.30 -3.99
CA LEU A 125 -3.50 -4.51 -2.93
C LEU A 125 -3.60 -5.95 -2.49
N PRO A 126 -2.46 -6.61 -2.26
CA PRO A 126 -2.46 -7.92 -1.64
C PRO A 126 -3.14 -7.88 -0.26
N ILE A 127 -3.77 -9.00 0.12
CA ILE A 127 -4.48 -9.05 1.40
C ILE A 127 -3.55 -8.62 2.54
N ASN A 128 -2.30 -9.08 2.57
CA ASN A 128 -1.48 -8.80 3.74
C ASN A 128 -0.98 -7.35 3.84
N THR A 129 -1.13 -6.54 2.78
CA THR A 129 -0.90 -5.11 2.85
C THR A 129 -2.04 -4.40 3.60
N VAL A 130 -3.25 -4.97 3.52
CA VAL A 130 -4.43 -4.44 4.21
C VAL A 130 -4.61 -5.07 5.59
N ALA A 131 -4.33 -6.38 5.74
CA ALA A 131 -4.59 -7.19 6.93
C ALA A 131 -3.33 -7.99 7.22
N PRO A 132 -2.32 -7.39 7.86
CA PRO A 132 -1.01 -8.01 7.97
C PRO A 132 -0.94 -9.33 8.72
N GLY A 133 -1.91 -9.59 9.61
CA GLY A 133 -1.91 -10.78 10.43
C GLY A 133 -2.62 -12.01 9.88
N VAL A 134 -3.27 -11.91 8.73
CA VAL A 134 -4.05 -13.02 8.18
C VAL A 134 -3.15 -14.00 7.46
N VAL A 135 -3.39 -15.30 7.71
CA VAL A 135 -2.71 -16.31 6.93
C VAL A 135 -3.43 -16.43 5.59
N VAL A 136 -2.63 -16.28 4.52
CA VAL A 136 -3.15 -16.27 3.16
C VAL A 136 -2.42 -17.32 2.33
N ASP A 137 -3.20 -18.18 1.66
CA ASP A 137 -2.69 -19.13 0.70
C ASP A 137 -3.34 -18.96 -0.66
N GLY A 138 -2.54 -19.21 -1.69
CA GLY A 138 -2.96 -19.07 -3.06
C GLY A 138 -1.93 -18.28 -3.85
N PRO A 139 -2.08 -18.19 -5.17
CA PRO A 139 -3.18 -18.80 -5.90
C PRO A 139 -3.00 -20.28 -6.21
N ALA A 140 -4.01 -20.86 -6.86
CA ALA A 140 -4.02 -22.26 -7.26
C ALA A 140 -3.80 -22.36 -8.76
N GLU A 141 -2.60 -22.84 -9.15
CA GLU A 141 -2.22 -22.83 -10.56
C GLU A 141 -3.24 -23.64 -11.35
N GLU A 142 -3.82 -24.69 -10.75
CA GLU A 142 -4.79 -25.54 -11.43
C GLU A 142 -6.03 -24.78 -11.87
N LEU A 143 -6.36 -23.62 -11.25
CA LEU A 143 -7.58 -22.91 -11.57
C LEU A 143 -7.32 -21.57 -12.28
N ALA A 144 -6.08 -21.31 -12.70
CA ALA A 144 -5.73 -20.07 -13.34
C ALA A 144 -6.52 -19.90 -14.66
N GLU A 145 -6.48 -20.89 -15.55
CA GLU A 145 -7.11 -20.67 -16.85
C GLU A 145 -8.64 -20.71 -16.71
N THR A 146 -9.22 -21.55 -15.85
CA THR A 146 -10.65 -21.56 -15.59
C THR A 146 -11.12 -20.17 -15.17
N MET A 147 -10.42 -19.61 -14.19
CA MET A 147 -10.79 -18.31 -13.67
C MET A 147 -10.51 -17.20 -14.71
N HIS A 148 -9.45 -17.31 -15.51
CA HIS A 148 -9.16 -16.33 -16.57
C HIS A 148 -10.35 -16.29 -17.54
N ASN A 149 -10.87 -17.45 -17.92
CA ASN A 149 -11.97 -17.53 -18.86
C ASN A 149 -13.24 -16.93 -18.26
N LEU A 150 -13.50 -17.16 -16.95
CA LEU A 150 -14.69 -16.62 -16.32
C LEU A 150 -14.60 -15.11 -16.25
N TYR A 151 -13.42 -14.59 -15.88
CA TYR A 151 -13.24 -13.17 -15.89
C TYR A 151 -13.41 -12.61 -17.31
N ARG A 152 -12.85 -13.32 -18.29
CA ARG A 152 -12.97 -12.83 -19.66
C ARG A 152 -14.45 -12.78 -20.07
N ALA A 153 -15.26 -13.70 -19.57
CA ALA A 153 -16.68 -13.76 -19.92
C ALA A 153 -17.48 -12.58 -19.35
N LYS A 154 -16.98 -11.91 -18.30
CA LYS A 154 -17.63 -10.73 -17.77
C LYS A 154 -16.98 -9.42 -18.21
N PHE A 155 -15.65 -9.39 -18.30
CA PHE A 155 -14.91 -8.16 -18.49
C PHE A 155 -14.19 -8.05 -19.84
N GLY A 156 -14.18 -9.13 -20.62
CA GLY A 156 -13.34 -9.18 -21.82
C GLY A 156 -13.93 -8.34 -22.94
N ARG A 157 -13.06 -7.95 -23.89
CA ARG A 157 -13.46 -7.29 -25.13
C ARG A 157 -12.61 -7.89 -26.24
N ALA B 1 8.12 5.43 24.11
CA ALA B 1 8.91 4.71 23.08
C ALA B 1 9.97 5.62 22.43
N ILE B 2 9.95 6.92 22.71
CA ILE B 2 11.03 7.80 22.35
C ILE B 2 11.67 8.31 23.64
N SER B 3 12.87 7.81 23.88
CA SER B 3 13.63 8.17 25.07
C SER B 3 14.24 9.57 24.93
N ASP B 4 14.82 10.05 26.04
CA ASP B 4 15.59 11.29 26.04
C ASP B 4 16.74 11.21 25.03
N ALA B 5 17.45 10.09 25.01
CA ALA B 5 18.58 9.93 24.09
C ALA B 5 18.07 9.91 22.66
N ASP B 6 16.91 9.29 22.43
CA ASP B 6 16.32 9.26 21.11
C ASP B 6 16.03 10.68 20.64
N LEU B 7 15.42 11.48 21.51
CA LEU B 7 15.06 12.83 21.12
C LEU B 7 16.30 13.69 20.83
N LYS B 8 17.39 13.51 21.58
CA LYS B 8 18.67 14.17 21.31
C LYS B 8 19.14 13.88 19.87
N TYR B 9 19.07 12.60 19.49
CA TYR B 9 19.45 12.21 18.15
C TYR B 9 18.51 12.80 17.09
N LEU B 10 17.21 12.85 17.40
CA LEU B 10 16.26 13.48 16.46
C LEU B 10 16.58 14.96 16.31
N ARG B 11 17.00 15.64 17.39
CA ARG B 11 17.34 17.05 17.29
C ARG B 11 18.57 17.29 16.40
N ARG B 12 19.55 16.40 16.44
CA ARG B 12 20.66 16.40 15.52
C ARG B 12 20.19 16.16 14.09
N CYS B 13 19.17 15.32 13.90
CA CYS B 13 18.62 15.16 12.54
C CYS B 13 18.02 16.47 12.03
N VAL B 14 17.29 17.19 12.90
CA VAL B 14 16.71 18.46 12.50
C VAL B 14 17.83 19.44 12.16
N ASP B 15 18.91 19.45 12.94
CA ASP B 15 20.06 20.30 12.63
C ASP B 15 20.65 19.95 11.27
N LEU B 16 20.71 18.65 10.92
CA LEU B 16 21.20 18.27 9.60
C LEU B 16 20.24 18.67 8.48
N ALA B 17 18.92 18.55 8.72
CA ALA B 17 17.93 19.05 7.78
C ALA B 17 18.12 20.54 7.55
N ARG B 18 18.45 21.29 8.62
CA ARG B 18 18.63 22.74 8.46
C ARG B 18 19.90 23.01 7.66
N GLU B 19 20.94 22.22 7.88
CA GLU B 19 22.16 22.32 7.07
C GLU B 19 21.83 22.12 5.60
N ALA B 20 21.00 21.12 5.31
CA ALA B 20 20.62 20.84 3.93
C ALA B 20 19.90 22.02 3.32
N LEU B 21 18.96 22.57 4.09
CA LEU B 21 18.13 23.67 3.64
C LEU B 21 19.05 24.85 3.30
N ASP B 22 19.96 25.16 4.23
CA ASP B 22 20.87 26.28 4.07
C ASP B 22 21.79 26.10 2.85
N ASP B 23 22.05 24.85 2.44
CA ASP B 23 22.93 24.57 1.34
C ASP B 23 22.20 24.50 -0.01
N GLY B 24 20.87 24.69 -0.04
CA GLY B 24 20.09 24.68 -1.27
C GLY B 24 19.40 23.34 -1.54
N ASP B 25 19.56 22.41 -0.61
CA ASP B 25 18.98 21.07 -0.73
C ASP B 25 17.66 21.02 0.04
N GLU B 26 17.03 19.86 0.11
CA GLU B 26 15.76 19.74 0.84
C GLU B 26 15.99 19.32 2.31
N PRO B 27 15.12 19.75 3.25
CA PRO B 27 15.37 19.55 4.69
C PRO B 27 15.03 18.17 5.25
N PHE B 28 15.97 17.26 5.00
CA PHE B 28 15.98 15.91 5.56
C PHE B 28 17.38 15.62 6.05
N GLY B 29 17.43 15.07 7.28
CA GLY B 29 18.67 14.61 7.85
C GLY B 29 18.48 13.32 8.64
N SER B 30 19.58 12.55 8.72
CA SER B 30 19.50 11.23 9.34
C SER B 30 20.84 10.89 9.98
N VAL B 31 20.77 10.05 11.03
CA VAL B 31 21.94 9.59 11.78
C VAL B 31 21.83 8.10 12.08
N LEU B 32 22.94 7.36 11.90
CA LEU B 32 23.04 5.96 12.24
C LEU B 32 23.82 5.80 13.54
N VAL B 33 23.22 5.13 14.51
CA VAL B 33 23.84 4.97 15.84
C VAL B 33 23.96 3.49 16.11
N ASP B 34 25.14 3.06 16.61
CA ASP B 34 25.25 1.65 16.88
C ASP B 34 24.70 1.33 18.26
N HIS B 35 24.64 0.04 18.57
CA HIS B 35 24.08 -0.45 19.83
C HIS B 35 24.87 0.02 21.04
N THR B 36 26.11 0.50 20.86
CA THR B 36 26.91 1.00 21.97
C THR B 36 26.65 2.49 22.20
N GLY B 37 25.86 3.14 21.34
CA GLY B 37 25.66 4.58 21.43
C GLY B 37 26.70 5.41 20.65
N THR B 38 27.51 4.78 19.81
CA THR B 38 28.39 5.52 18.91
C THR B 38 27.64 5.96 17.64
N THR B 39 27.71 7.24 17.30
CA THR B 39 27.28 7.74 16.00
C THR B 39 28.24 7.22 14.95
N LEU B 40 27.73 6.46 13.98
CA LEU B 40 28.57 5.89 12.95
C LEU B 40 28.62 6.75 11.70
N PHE B 41 27.50 7.37 11.35
CA PHE B 41 27.43 8.08 10.09
C PHE B 41 26.25 9.04 10.16
N GLU B 42 26.47 10.24 9.68
CA GLU B 42 25.45 11.27 9.67
C GLU B 42 25.34 11.79 8.24
N ASP B 43 24.12 12.05 7.77
CA ASP B 43 24.01 12.58 6.41
C ASP B 43 22.77 13.42 6.30
N ARG B 44 22.66 14.08 5.15
CA ARG B 44 21.51 14.88 4.86
C ARG B 44 21.26 14.82 3.36
N ASN B 45 20.11 15.38 2.97
CA ASN B 45 19.66 15.39 1.60
C ASN B 45 20.63 16.14 0.70
N ARG B 46 20.85 15.61 -0.51
CA ARG B 46 21.80 16.21 -1.44
C ARG B 46 21.27 16.19 -2.88
N VAL B 47 19.99 16.49 -3.06
CA VAL B 47 19.37 16.34 -4.36
C VAL B 47 19.61 17.57 -5.26
N LYS B 48 20.23 18.65 -4.76
CA LYS B 48 20.27 19.87 -5.58
C LYS B 48 21.14 19.68 -6.83
N ASP B 49 22.03 18.70 -6.81
CA ASP B 49 22.93 18.50 -7.94
C ASP B 49 22.31 17.64 -9.03
N GLY B 50 21.01 17.31 -8.94
CA GLY B 50 20.30 16.74 -10.07
C GLY B 50 19.81 15.32 -9.82
N ASP B 51 20.28 14.67 -8.72
CA ASP B 51 19.87 13.32 -8.39
C ASP B 51 18.88 13.33 -7.23
N ALA B 52 17.63 13.08 -7.62
CA ALA B 52 16.51 13.09 -6.70
C ALA B 52 16.54 11.90 -5.74
N THR B 53 17.40 10.92 -6.00
CA THR B 53 17.55 9.79 -5.09
C THR B 53 18.57 10.02 -4.00
N ALA B 54 19.11 11.26 -3.88
CA ALA B 54 20.14 11.52 -2.89
C ALA B 54 19.55 11.78 -1.49
N HIS B 55 18.91 10.74 -0.89
CA HIS B 55 18.28 10.81 0.40
C HIS B 55 19.26 10.26 1.41
N PRO B 56 19.30 10.84 2.62
CA PRO B 56 20.30 10.41 3.60
C PRO B 56 20.02 9.03 4.17
N GLU B 57 18.73 8.62 4.29
CA GLU B 57 18.43 7.28 4.82
C GLU B 57 18.99 6.22 3.86
N PHE B 58 18.97 6.51 2.57
CA PHE B 58 19.45 5.58 1.58
C PHE B 58 20.97 5.47 1.68
N ALA B 59 21.63 6.61 1.85
CA ALA B 59 23.08 6.63 2.05
C ALA B 59 23.45 5.79 3.27
N ILE B 60 22.66 5.91 4.31
CA ILE B 60 22.91 5.13 5.52
C ILE B 60 22.74 3.64 5.24
N ALA B 61 21.70 3.24 4.51
CA ALA B 61 21.55 1.84 4.16
C ALA B 61 22.80 1.29 3.45
N ARG B 62 23.34 2.03 2.48
CA ARG B 62 24.49 1.55 1.77
C ARG B 62 25.74 1.56 2.67
N TRP B 63 25.85 2.58 3.51
CA TRP B 63 26.95 2.65 4.47
C TRP B 63 26.96 1.39 5.33
N ALA B 64 25.78 1.03 5.84
CA ALA B 64 25.62 -0.13 6.71
C ALA B 64 25.98 -1.41 5.96
N ALA B 65 25.52 -1.54 4.71
CA ALA B 65 25.83 -2.68 3.88
C ALA B 65 27.33 -2.81 3.66
N ARG B 66 28.05 -1.69 3.57
CA ARG B 66 29.48 -1.74 3.30
C ARG B 66 30.29 -2.02 4.56
N HIS B 67 29.92 -1.38 5.69
CA HIS B 67 30.80 -1.32 6.86
C HIS B 67 30.38 -2.20 8.02
N LEU B 68 29.16 -2.73 8.03
CA LEU B 68 28.68 -3.45 9.21
C LEU B 68 28.31 -4.88 8.87
N THR B 69 28.68 -5.83 9.73
CA THR B 69 28.15 -7.16 9.53
C THR B 69 26.65 -7.19 9.87
N PRO B 70 25.88 -8.14 9.31
CA PRO B 70 24.43 -8.17 9.52
C PRO B 70 23.99 -8.12 10.98
N ASP B 71 24.74 -8.75 11.88
CA ASP B 71 24.40 -8.71 13.31
C ASP B 71 24.47 -7.29 13.89
N ARG B 72 25.43 -6.47 13.41
CA ARG B 72 25.59 -5.11 13.91
C ARG B 72 24.52 -4.21 13.30
N ARG B 73 24.16 -4.48 12.04
CA ARG B 73 23.10 -3.71 11.40
C ARG B 73 21.78 -3.88 12.13
N ALA B 74 21.52 -5.14 12.54
CA ALA B 74 20.25 -5.44 13.16
C ALA B 74 20.12 -4.73 14.50
N ARG B 75 21.24 -4.36 15.11
CA ARG B 75 21.25 -3.78 16.45
C ARG B 75 21.47 -2.28 16.39
N ALA B 76 21.67 -1.73 15.18
CA ALA B 76 21.83 -0.31 15.02
C ALA B 76 20.46 0.36 14.94
N THR B 77 20.48 1.67 15.16
CA THR B 77 19.28 2.51 15.10
C THR B 77 19.52 3.62 14.09
N VAL B 78 18.50 3.86 13.28
CA VAL B 78 18.50 4.97 12.34
C VAL B 78 17.48 6.01 12.84
N TYR B 79 17.99 7.22 13.06
CA TYR B 79 17.16 8.40 13.35
C TYR B 79 17.00 9.22 12.09
N THR B 80 15.82 9.78 11.89
CA THR B 80 15.59 10.66 10.75
C THR B 80 14.62 11.77 11.13
N SER B 81 14.81 12.93 10.48
CA SER B 81 13.96 14.10 10.67
C SER B 81 12.58 13.86 10.04
N GLY B 82 12.55 13.16 8.90
CA GLY B 82 11.32 12.76 8.25
C GLY B 82 11.29 11.24 8.01
N GLU B 83 10.17 10.62 8.26
CA GLU B 83 9.95 9.21 7.99
C GLU B 83 10.41 8.86 6.57
N HIS B 84 11.17 7.78 6.51
CA HIS B 84 11.65 7.23 5.25
C HIS B 84 10.55 7.14 4.22
N CYS B 85 10.87 7.65 3.01
CA CYS B 85 10.05 7.40 1.85
C CYS B 85 10.16 5.92 1.48
N PRO B 86 9.32 5.41 0.57
CA PRO B 86 9.39 3.99 0.27
C PRO B 86 10.74 3.53 -0.28
N MET B 87 11.43 4.38 -1.03
CA MET B 87 12.76 4.03 -1.52
C MET B 87 13.67 3.65 -0.37
N CYS B 88 13.67 4.54 0.61
CA CYS B 88 14.58 4.48 1.73
C CYS B 88 14.13 3.39 2.70
N ALA B 89 12.80 3.26 2.90
CA ALA B 89 12.32 2.21 3.78
C ALA B 89 12.67 0.81 3.25
N ALA B 90 12.52 0.62 1.96
CA ALA B 90 12.85 -0.65 1.33
C ALA B 90 14.34 -0.92 1.42
N ALA B 91 15.18 0.07 1.13
CA ALA B 91 16.63 -0.08 1.20
C ALA B 91 17.04 -0.54 2.61
N HIS B 92 16.49 0.10 3.64
CA HIS B 92 16.72 -0.22 5.05
C HIS B 92 16.42 -1.70 5.32
N ALA B 93 15.28 -2.18 4.87
CA ALA B 93 14.91 -3.58 5.04
C ALA B 93 15.79 -4.52 4.21
N TRP B 94 16.08 -4.19 2.96
CA TRP B 94 16.97 -5.00 2.16
C TRP B 94 18.31 -5.25 2.83
N VAL B 95 18.90 -4.21 3.45
CA VAL B 95 20.22 -4.38 4.05
C VAL B 95 20.14 -4.95 5.46
N GLY B 96 18.94 -5.02 6.05
CA GLY B 96 18.71 -5.64 7.35
C GLY B 96 19.10 -4.71 8.51
N LEU B 97 18.88 -3.41 8.36
CA LEU B 97 18.97 -2.49 9.49
C LEU B 97 17.80 -2.69 10.45
N GLY B 98 17.98 -2.17 11.67
CA GLY B 98 17.03 -2.37 12.76
C GLY B 98 16.06 -1.21 12.95
N ARG B 99 15.95 -0.74 14.18
CA ARG B 99 14.94 0.23 14.57
C ARG B 99 15.08 1.55 13.82
N ILE B 100 13.94 2.13 13.46
CA ILE B 100 13.86 3.49 12.93
C ILE B 100 13.09 4.37 13.92
N VAL B 101 13.63 5.57 14.14
CA VAL B 101 12.98 6.60 14.91
C VAL B 101 12.91 7.83 14.04
N TYR B 102 11.68 8.38 13.95
CA TYR B 102 11.51 9.55 13.11
C TYR B 102 10.82 10.71 13.84
N ALA B 103 11.14 11.94 13.42
CA ALA B 103 10.61 13.13 14.07
C ALA B 103 9.21 13.50 13.54
N THR B 104 9.03 13.40 12.24
CA THR B 104 7.75 13.70 11.61
C THR B 104 7.41 12.59 10.63
N SER B 105 6.13 12.24 10.56
CA SER B 105 5.70 11.16 9.71
C SER B 105 5.57 11.63 8.26
N SER B 106 5.55 10.68 7.35
CA SER B 106 5.32 11.05 5.96
C SER B 106 3.89 11.52 5.74
N ALA B 107 2.92 11.03 6.52
CA ALA B 107 1.58 11.59 6.48
C ALA B 107 1.55 13.07 6.84
N GLN B 108 2.28 13.47 7.90
CA GLN B 108 2.36 14.85 8.35
C GLN B 108 2.88 15.69 7.20
N LEU B 109 4.00 15.24 6.59
CA LEU B 109 4.59 16.00 5.50
C LEU B 109 3.65 16.02 4.29
N GLY B 110 3.02 14.88 3.99
CA GLY B 110 2.11 14.86 2.86
C GLY B 110 0.96 15.87 3.01
N GLY B 111 0.38 15.98 4.20
CA GLY B 111 -0.66 16.95 4.48
C GLY B 111 -0.15 18.36 4.23
N TRP B 112 1.01 18.66 4.79
CA TRP B 112 1.58 19.99 4.66
C TRP B 112 1.83 20.33 3.18
N LEU B 113 2.44 19.41 2.41
CA LEU B 113 2.73 19.61 0.99
C LEU B 113 1.46 19.86 0.20
N THR B 114 0.37 19.13 0.53
CA THR B 114 -0.89 19.26 -0.19
C THR B 114 -1.45 20.68 -0.01
N GLU B 115 -1.26 21.26 1.17
CA GLU B 115 -1.56 22.66 1.42
C GLU B 115 -0.78 23.62 0.51
N TRP B 116 0.43 23.25 0.08
CA TRP B 116 1.22 24.09 -0.78
C TRP B 116 1.13 23.65 -2.23
N GLY B 117 0.33 22.61 -2.52
CA GLY B 117 0.23 22.09 -3.88
C GLY B 117 1.50 21.36 -4.36
N ALA B 118 2.26 20.74 -3.45
CA ALA B 118 3.63 20.28 -3.71
C ALA B 118 3.78 18.76 -3.61
N GLN B 119 2.75 18.00 -4.02
CA GLN B 119 2.73 16.54 -3.86
C GLN B 119 3.95 15.89 -4.52
N ALA B 120 4.55 14.90 -3.85
CA ALA B 120 5.65 14.15 -4.45
C ALA B 120 5.12 13.11 -5.43
N PRO B 121 5.97 12.62 -6.36
CA PRO B 121 5.58 11.53 -7.28
C PRO B 121 5.65 10.14 -6.67
N VAL B 122 6.09 10.06 -5.41
CA VAL B 122 6.16 8.82 -4.66
C VAL B 122 5.14 8.90 -3.54
N ALA B 123 4.34 7.82 -3.36
CA ALA B 123 3.30 7.75 -2.34
C ALA B 123 3.83 7.84 -0.92
N THR B 124 3.08 8.49 -0.02
CA THR B 124 3.49 8.57 1.38
C THR B 124 3.09 7.33 2.21
N LEU B 125 3.64 6.18 1.86
CA LEU B 125 3.32 4.95 2.54
C LEU B 125 4.07 4.92 3.85
N PRO B 126 3.42 4.51 4.93
CA PRO B 126 4.12 4.26 6.18
C PRO B 126 5.20 3.19 6.03
N ILE B 127 6.26 3.32 6.82
CA ILE B 127 7.38 2.41 6.71
C ILE B 127 6.91 0.95 6.75
N ASN B 128 5.99 0.62 7.67
CA ASN B 128 5.67 -0.79 7.86
C ASN B 128 4.80 -1.37 6.75
N THR B 129 4.24 -0.54 5.85
CA THR B 129 3.61 -1.03 4.65
C THR B 129 4.63 -1.51 3.62
N VAL B 130 5.81 -0.87 3.60
CA VAL B 130 6.90 -1.24 2.71
C VAL B 130 7.80 -2.29 3.34
N ALA B 131 8.01 -2.22 4.67
CA ALA B 131 9.01 -3.02 5.38
C ALA B 131 8.36 -3.52 6.66
N PRO B 132 7.56 -4.59 6.58
CA PRO B 132 6.70 -4.96 7.70
C PRO B 132 7.37 -5.38 9.00
N GLY B 133 8.63 -5.81 8.94
CA GLY B 133 9.33 -6.29 10.14
C GLY B 133 10.10 -5.23 10.91
N VAL B 134 10.20 -4.01 10.37
CA VAL B 134 11.01 -2.99 11.03
C VAL B 134 10.29 -2.41 12.24
N VAL B 135 11.03 -2.25 13.35
CA VAL B 135 10.49 -1.56 14.50
C VAL B 135 10.57 -0.06 14.23
N VAL B 136 9.43 0.61 14.31
CA VAL B 136 9.35 2.02 13.99
C VAL B 136 8.74 2.79 15.15
N ASP B 137 9.42 3.90 15.53
CA ASP B 137 8.94 4.82 16.55
C ASP B 137 8.90 6.24 15.99
N GLY B 138 7.89 7.00 16.42
CA GLY B 138 7.69 8.35 15.95
C GLY B 138 6.22 8.57 15.61
N PRO B 139 5.77 9.80 15.33
CA PRO B 139 6.62 10.98 15.38
C PRO B 139 6.82 11.53 16.78
N ALA B 140 7.62 12.61 16.87
CA ALA B 140 7.92 13.26 18.12
C ALA B 140 7.17 14.59 18.16
N GLU B 141 6.16 14.68 19.04
CA GLU B 141 5.27 15.84 19.06
C GLU B 141 6.09 17.10 19.30
N GLU B 142 7.17 17.02 20.10
CA GLU B 142 8.00 18.18 20.40
C GLU B 142 8.67 18.80 19.18
N LEU B 143 8.84 18.02 18.09
CA LEU B 143 9.51 18.54 16.91
C LEU B 143 8.58 18.87 15.75
N ALA B 144 7.27 18.71 15.94
CA ALA B 144 6.32 18.94 14.87
C ALA B 144 6.46 20.34 14.29
N GLU B 145 6.39 21.37 15.15
CA GLU B 145 6.39 22.74 14.65
C GLU B 145 7.74 23.08 14.05
N THR B 146 8.87 22.68 14.66
CA THR B 146 10.18 22.99 14.11
C THR B 146 10.27 22.45 12.69
N MET B 147 9.82 21.21 12.52
CA MET B 147 9.99 20.59 11.20
C MET B 147 8.97 21.18 10.22
N HIS B 148 7.75 21.51 10.68
CA HIS B 148 6.78 22.21 9.83
C HIS B 148 7.40 23.49 9.26
N ASN B 149 8.13 24.25 10.11
CA ASN B 149 8.73 25.49 9.67
C ASN B 149 9.84 25.27 8.64
N LEU B 150 10.65 24.20 8.77
CA LEU B 150 11.72 23.93 7.83
C LEU B 150 11.13 23.50 6.50
N TYR B 151 10.10 22.66 6.58
CA TYR B 151 9.42 22.25 5.37
C TYR B 151 8.77 23.44 4.69
N ARG B 152 8.16 24.36 5.44
CA ARG B 152 7.55 25.53 4.80
C ARG B 152 8.61 26.39 4.11
N ALA B 153 9.79 26.50 4.73
CA ALA B 153 10.87 27.32 4.19
C ALA B 153 11.33 26.82 2.82
N LYS B 154 11.25 25.49 2.58
CA LYS B 154 11.62 24.95 1.29
C LYS B 154 10.44 24.85 0.33
N PHE B 155 9.28 24.38 0.80
CA PHE B 155 8.19 23.98 -0.09
C PHE B 155 6.99 24.94 -0.06
N GLY B 156 6.95 25.87 0.91
CA GLY B 156 5.77 26.67 1.18
C GLY B 156 5.95 28.11 0.69
N ARG B 157 7.18 28.44 0.26
CA ARG B 157 7.57 29.83 0.00
C ARG B 157 7.04 30.20 -1.39
N ALA C 1 -8.05 22.24 0.09
CA ALA C 1 -9.04 23.27 0.46
C ALA C 1 -9.95 22.68 1.53
N ILE C 2 -9.88 23.25 2.74
CA ILE C 2 -10.90 23.03 3.75
C ILE C 2 -11.51 24.39 4.06
N SER C 3 -12.70 24.61 3.50
CA SER C 3 -13.39 25.88 3.63
C SER C 3 -13.97 26.00 5.04
N ASP C 4 -14.51 27.20 5.32
CA ASP C 4 -15.28 27.42 6.54
C ASP C 4 -16.50 26.50 6.56
N ALA C 5 -17.19 26.34 5.42
CA ALA C 5 -18.35 25.46 5.37
C ALA C 5 -17.91 24.01 5.61
N ASP C 6 -16.75 23.61 5.06
CA ASP C 6 -16.23 22.26 5.32
C ASP C 6 -16.02 22.04 6.81
N LEU C 7 -15.41 23.02 7.47
CA LEU C 7 -15.12 22.88 8.89
C LEU C 7 -16.40 22.73 9.72
N LYS C 8 -17.49 23.41 9.32
CA LYS C 8 -18.76 23.27 10.03
C LYS C 8 -19.24 21.82 9.98
N TYR C 9 -19.12 21.18 8.81
CA TYR C 9 -19.54 19.81 8.66
C TYR C 9 -18.65 18.89 9.46
N LEU C 10 -17.35 19.17 9.42
CA LEU C 10 -16.42 18.38 10.21
C LEU C 10 -16.76 18.52 11.69
N ARG C 11 -17.18 19.71 12.15
CA ARG C 11 -17.56 19.84 13.56
C ARG C 11 -18.82 19.03 13.86
N ARG C 12 -19.73 18.88 12.90
CA ARG C 12 -20.85 17.96 13.09
C ARG C 12 -20.38 16.50 13.19
N CYS C 13 -19.39 16.10 12.39
CA CYS C 13 -18.81 14.76 12.50
C CYS C 13 -18.22 14.51 13.88
N VAL C 14 -17.56 15.51 14.45
CA VAL C 14 -16.99 15.36 15.78
C VAL C 14 -18.12 15.17 16.80
N ASP C 15 -19.19 15.92 16.67
CA ASP C 15 -20.35 15.78 17.56
C ASP C 15 -20.98 14.39 17.44
N LEU C 16 -21.01 13.83 16.22
CA LEU C 16 -21.49 12.46 16.06
C LEU C 16 -20.53 11.43 16.68
N ALA C 17 -19.22 11.68 16.58
CA ALA C 17 -18.23 10.81 17.20
C ALA C 17 -18.41 10.77 18.72
N ARG C 18 -18.66 11.94 19.31
CA ARG C 18 -18.92 12.05 20.74
C ARG C 18 -20.21 11.30 21.12
N GLU C 19 -21.24 11.41 20.28
CA GLU C 19 -22.50 10.70 20.49
C GLU C 19 -22.20 9.21 20.52
N ALA C 20 -21.34 8.75 19.60
CA ALA C 20 -20.98 7.34 19.56
C ALA C 20 -20.26 6.93 20.83
N LEU C 21 -19.30 7.75 21.28
CA LEU C 21 -18.56 7.44 22.48
C LEU C 21 -19.49 7.35 23.68
N ASP C 22 -20.43 8.29 23.77
CA ASP C 22 -21.31 8.38 24.94
C ASP C 22 -22.28 7.19 24.95
N ASP C 23 -22.54 6.60 23.78
CA ASP C 23 -23.44 5.46 23.67
C ASP C 23 -22.72 4.12 23.88
N GLY C 24 -21.40 4.13 24.01
CA GLY C 24 -20.67 2.90 24.23
C GLY C 24 -19.94 2.39 22.98
N ASP C 25 -20.05 3.14 21.87
CA ASP C 25 -19.40 2.76 20.63
C ASP C 25 -18.07 3.50 20.49
N GLU C 26 -17.43 3.39 19.32
CA GLU C 26 -16.14 4.05 19.13
C GLU C 26 -16.36 5.41 18.49
N PRO C 27 -15.48 6.41 18.76
CA PRO C 27 -15.72 7.79 18.33
C PRO C 27 -15.39 8.08 16.88
N PHE C 28 -16.28 7.72 15.97
CA PHE C 28 -16.23 8.04 14.55
C PHE C 28 -17.62 8.46 14.10
N GLY C 29 -17.72 9.57 13.36
CA GLY C 29 -18.97 10.03 12.80
C GLY C 29 -18.75 10.62 11.41
N SER C 30 -19.78 10.56 10.56
CA SER C 30 -19.62 10.94 9.17
C SER C 30 -20.94 11.50 8.68
N VAL C 31 -20.88 12.41 7.71
CA VAL C 31 -22.05 12.98 7.09
C VAL C 31 -21.84 13.03 5.60
N LEU C 32 -22.94 12.75 4.88
CA LEU C 32 -23.01 12.82 3.44
C LEU C 32 -23.77 14.07 3.04
N VAL C 33 -23.17 14.87 2.16
CA VAL C 33 -23.73 16.16 1.76
C VAL C 33 -23.86 16.20 0.25
N ASP C 34 -25.03 16.63 -0.23
CA ASP C 34 -25.29 16.82 -1.64
C ASP C 34 -24.50 18.01 -2.18
N HIS C 35 -24.38 18.09 -3.51
CA HIS C 35 -23.68 19.23 -4.12
C HIS C 35 -24.39 20.55 -3.79
N THR C 36 -25.70 20.49 -3.53
CA THR C 36 -26.45 21.69 -3.18
C THR C 36 -26.16 22.10 -1.74
N GLY C 37 -25.49 21.24 -0.97
CA GLY C 37 -25.17 21.54 0.42
C GLY C 37 -26.23 21.02 1.38
N THR C 38 -27.20 20.24 0.88
CA THR C 38 -28.17 19.58 1.73
C THR C 38 -27.51 18.36 2.35
N THR C 39 -27.59 18.23 3.67
CA THR C 39 -27.24 16.98 4.33
C THR C 39 -28.23 15.91 3.93
N LEU C 40 -27.72 14.80 3.37
CA LEU C 40 -28.57 13.70 2.90
C LEU C 40 -28.68 12.60 3.95
N PHE C 41 -27.61 12.35 4.70
CA PHE C 41 -27.54 11.22 5.61
C PHE C 41 -26.39 11.44 6.57
N GLU C 42 -26.59 11.05 7.84
CA GLU C 42 -25.57 11.16 8.88
C GLU C 42 -25.50 9.84 9.61
N ASP C 43 -24.32 9.41 10.08
CA ASP C 43 -24.26 8.19 10.88
C ASP C 43 -23.03 8.24 11.78
N ARG C 44 -22.92 7.25 12.66
CA ARG C 44 -21.80 7.17 13.55
C ARG C 44 -21.51 5.70 13.78
N ASN C 45 -20.39 5.46 14.41
CA ASN C 45 -19.95 4.11 14.65
C ASN C 45 -20.94 3.37 15.55
N ARG C 46 -21.17 2.07 15.23
CA ARG C 46 -22.13 1.25 15.96
C ARG C 46 -21.60 -0.15 16.19
N VAL C 47 -20.29 -0.28 16.51
CA VAL C 47 -19.69 -1.59 16.62
C VAL C 47 -19.98 -2.28 17.95
N LYS C 48 -20.57 -1.59 18.96
CA LYS C 48 -20.57 -2.18 20.30
C LYS C 48 -21.45 -3.43 20.39
N ASP C 49 -22.35 -3.64 19.45
CA ASP C 49 -23.24 -4.78 19.56
C ASP C 49 -22.66 -6.01 18.90
N GLY C 50 -21.41 -5.96 18.44
CA GLY C 50 -20.78 -7.18 17.96
C GLY C 50 -20.27 -7.13 16.53
N ASP C 51 -20.68 -6.16 15.71
CA ASP C 51 -20.25 -6.16 14.33
C ASP C 51 -19.23 -5.06 14.11
N ALA C 52 -17.98 -5.46 13.99
CA ALA C 52 -16.84 -4.55 13.94
C ALA C 52 -16.82 -3.84 12.59
N THR C 53 -17.65 -4.26 11.65
CA THR C 53 -17.73 -3.57 10.35
C THR C 53 -18.72 -2.41 10.37
N ALA C 54 -19.30 -2.04 11.56
CA ALA C 54 -20.36 -1.05 11.63
C ALA C 54 -19.78 0.36 11.72
N HIS C 55 -19.00 0.68 10.68
CA HIS C 55 -18.39 1.99 10.53
C HIS C 55 -19.31 2.91 9.73
N PRO C 56 -19.39 4.18 10.12
CA PRO C 56 -20.37 5.07 9.45
C PRO C 56 -20.08 5.39 7.99
N GLU C 57 -18.79 5.45 7.57
CA GLU C 57 -18.47 5.73 6.17
C GLU C 57 -19.02 4.59 5.31
N PHE C 58 -18.95 3.36 5.82
CA PHE C 58 -19.46 2.20 5.10
C PHE C 58 -20.97 2.30 4.97
N ALA C 59 -21.65 2.66 6.06
CA ALA C 59 -23.09 2.86 6.01
C ALA C 59 -23.45 3.91 4.97
N ILE C 60 -22.67 4.98 4.90
CA ILE C 60 -22.88 6.02 3.88
C ILE C 60 -22.74 5.45 2.47
N ALA C 61 -21.71 4.65 2.22
CA ALA C 61 -21.53 4.06 0.92
C ALA C 61 -22.74 3.23 0.54
N ARG C 62 -23.21 2.33 1.40
CA ARG C 62 -24.38 1.52 1.05
C ARG C 62 -25.65 2.40 0.87
N TRP C 63 -25.78 3.45 1.68
CA TRP C 63 -26.94 4.31 1.59
C TRP C 63 -26.93 5.00 0.24
N ALA C 64 -25.77 5.48 -0.15
CA ALA C 64 -25.63 6.18 -1.42
C ALA C 64 -25.94 5.25 -2.59
N ALA C 65 -25.47 4.01 -2.53
CA ALA C 65 -25.74 3.01 -3.56
C ALA C 65 -27.24 2.78 -3.70
N ARG C 66 -27.96 2.81 -2.59
CA ARG C 66 -29.39 2.54 -2.64
C ARG C 66 -30.19 3.76 -3.11
N HIS C 67 -29.80 4.96 -2.70
CA HIS C 67 -30.69 6.11 -2.78
C HIS C 67 -30.28 7.18 -3.78
N LEU C 68 -29.04 7.11 -4.30
CA LEU C 68 -28.57 8.12 -5.24
C LEU C 68 -28.17 7.47 -6.55
N THR C 69 -28.40 8.18 -7.66
CA THR C 69 -27.87 7.74 -8.93
C THR C 69 -26.37 7.99 -8.96
N PRO C 70 -25.60 7.30 -9.82
CA PRO C 70 -24.15 7.51 -9.87
C PRO C 70 -23.74 8.97 -10.04
N ASP C 71 -24.46 9.72 -10.88
CA ASP C 71 -24.15 11.12 -11.11
C ASP C 71 -24.26 11.94 -9.82
N ARG C 72 -25.27 11.67 -8.99
CA ARG C 72 -25.40 12.43 -7.76
C ARG C 72 -24.34 11.98 -6.76
N ARG C 73 -24.01 10.69 -6.76
CA ARG C 73 -22.98 10.22 -5.85
C ARG C 73 -21.65 10.90 -6.12
N ALA C 74 -21.32 11.06 -7.41
CA ALA C 74 -20.03 11.60 -7.79
C ALA C 74 -19.88 13.06 -7.36
N ARG C 75 -21.01 13.76 -7.19
CA ARG C 75 -21.04 15.17 -6.84
C ARG C 75 -21.27 15.37 -5.35
N ALA C 76 -21.43 14.27 -4.59
CA ALA C 76 -21.68 14.34 -3.16
C ALA C 76 -20.33 14.39 -2.43
N THR C 77 -20.33 14.94 -1.22
CA THR C 77 -19.14 14.99 -0.39
C THR C 77 -19.39 14.18 0.87
N VAL C 78 -18.38 13.44 1.29
CA VAL C 78 -18.43 12.79 2.58
C VAL C 78 -17.46 13.46 3.51
N TYR C 79 -17.97 13.87 4.69
CA TYR C 79 -17.17 14.42 5.77
C TYR C 79 -17.05 13.33 6.83
N THR C 80 -15.88 13.21 7.45
CA THR C 80 -15.69 12.21 8.48
C THR C 80 -14.73 12.76 9.54
N SER C 81 -14.95 12.31 10.77
CA SER C 81 -14.14 12.76 11.90
C SER C 81 -12.77 12.09 11.80
N GLY C 82 -12.75 10.86 11.31
CA GLY C 82 -11.50 10.14 11.09
C GLY C 82 -11.46 9.56 9.68
N GLU C 83 -10.28 9.64 9.09
CA GLU C 83 -10.01 9.17 7.75
C GLU C 83 -10.47 7.72 7.63
N HIS C 84 -11.19 7.44 6.53
CA HIS C 84 -11.69 6.11 6.21
C HIS C 84 -10.59 5.05 6.35
N CYS C 85 -10.85 4.01 7.16
CA CYS C 85 -10.06 2.81 7.08
C CYS C 85 -10.16 2.20 5.68
N PRO C 86 -9.33 1.20 5.35
CA PRO C 86 -9.34 0.62 4.01
C PRO C 86 -10.67 0.03 3.60
N MET C 87 -11.40 -0.52 4.56
CA MET C 87 -12.71 -1.07 4.26
C MET C 87 -13.61 0.01 3.67
N CYS C 88 -13.68 1.12 4.39
CA CYS C 88 -14.56 2.23 4.05
C CYS C 88 -14.09 3.00 2.84
N ALA C 89 -12.76 3.16 2.68
CA ALA C 89 -12.23 3.85 1.49
C ALA C 89 -12.57 3.04 0.23
N ALA C 90 -12.43 1.72 0.30
CA ALA C 90 -12.72 0.83 -0.81
C ALA C 90 -14.22 0.87 -1.13
N ALA C 91 -15.08 0.85 -0.12
CA ALA C 91 -16.52 0.88 -0.32
C ALA C 91 -16.92 2.17 -1.00
N HIS C 92 -16.30 3.26 -0.58
CA HIS C 92 -16.57 4.60 -1.11
C HIS C 92 -16.28 4.60 -2.59
N ALA C 93 -15.11 4.08 -2.96
CA ALA C 93 -14.73 4.09 -4.37
C ALA C 93 -15.59 3.13 -5.17
N TRP C 94 -15.90 1.94 -4.63
CA TRP C 94 -16.75 1.01 -5.37
C TRP C 94 -18.09 1.65 -5.76
N VAL C 95 -18.71 2.40 -4.86
CA VAL C 95 -20.01 2.98 -5.16
C VAL C 95 -19.89 4.25 -5.98
N GLY C 96 -18.69 4.78 -6.10
CA GLY C 96 -18.45 5.96 -6.91
C GLY C 96 -18.84 7.28 -6.21
N LEU C 97 -18.64 7.38 -4.90
CA LEU C 97 -18.80 8.66 -4.23
C LEU C 97 -17.67 9.62 -4.56
N GLY C 98 -17.90 10.90 -4.30
CA GLY C 98 -16.94 11.93 -4.67
C GLY C 98 -15.98 12.27 -3.53
N ARG C 99 -15.87 13.57 -3.29
CA ARG C 99 -14.88 14.12 -2.40
C ARG C 99 -15.01 13.59 -0.97
N ILE C 100 -13.88 13.34 -0.30
CA ILE C 100 -13.80 13.04 1.13
C ILE C 100 -13.04 14.15 1.86
N VAL C 101 -13.61 14.61 2.96
CA VAL C 101 -12.94 15.54 3.85
C VAL C 101 -12.89 14.90 5.23
N TYR C 102 -11.71 14.82 5.84
CA TYR C 102 -11.59 14.22 7.15
C TYR C 102 -10.90 15.17 8.11
N ALA C 103 -11.22 14.97 9.39
CA ALA C 103 -10.69 15.82 10.43
C ALA C 103 -9.31 15.34 10.85
N THR C 104 -9.16 14.06 11.17
CA THR C 104 -7.88 13.51 11.59
C THR C 104 -7.51 12.35 10.68
N SER C 105 -6.22 12.26 10.34
CA SER C 105 -5.71 11.18 9.51
C SER C 105 -5.60 9.87 10.28
N SER C 106 -5.68 8.82 9.49
CA SER C 106 -5.47 7.51 10.05
C SER C 106 -4.04 7.35 10.56
N ALA C 107 -3.06 8.07 10.00
CA ALA C 107 -1.70 8.09 10.52
C ALA C 107 -1.66 8.69 11.94
N GLN C 108 -2.40 9.78 12.15
CA GLN C 108 -2.53 10.41 13.47
C GLN C 108 -3.05 9.37 14.45
N LEU C 109 -4.18 8.74 14.10
CA LEU C 109 -4.84 7.84 15.01
C LEU C 109 -3.90 6.66 15.27
N GLY C 110 -3.27 6.13 14.22
CA GLY C 110 -2.42 4.97 14.40
C GLY C 110 -1.24 5.26 15.34
N GLY C 111 -0.65 6.45 15.22
CA GLY C 111 0.36 6.93 16.14
C GLY C 111 -0.12 6.96 17.58
N TRP C 112 -1.29 7.55 17.80
CA TRP C 112 -1.88 7.63 19.12
C TRP C 112 -2.18 6.23 19.64
N LEU C 113 -2.82 5.38 18.83
CA LEU C 113 -3.06 4.00 19.23
C LEU C 113 -1.78 3.29 19.61
N THR C 114 -0.71 3.53 18.84
CA THR C 114 0.58 2.92 19.16
C THR C 114 1.06 3.38 20.53
N GLU C 115 0.94 4.67 20.86
CA GLU C 115 1.25 5.14 22.19
C GLU C 115 0.49 4.35 23.27
N TRP C 116 -0.77 3.93 23.01
CA TRP C 116 -1.61 3.28 24.00
C TRP C 116 -1.56 1.75 23.91
N GLY C 117 -0.80 1.20 22.96
CA GLY C 117 -0.76 -0.25 22.76
C GLY C 117 -2.08 -0.83 22.23
N ALA C 118 -2.76 -0.12 21.33
CA ALA C 118 -4.14 -0.47 20.96
C ALA C 118 -4.27 -0.62 19.44
N GLN C 119 -3.24 -1.16 18.79
CA GLN C 119 -3.18 -1.13 17.34
C GLN C 119 -4.29 -1.99 16.75
N ALA C 120 -4.83 -1.56 15.60
CA ALA C 120 -5.89 -2.27 14.90
C ALA C 120 -5.32 -3.43 14.08
N PRO C 121 -6.14 -4.45 13.76
CA PRO C 121 -5.73 -5.53 12.85
C PRO C 121 -5.75 -5.20 11.36
N VAL C 122 -6.20 -3.99 11.03
CA VAL C 122 -6.18 -3.47 9.69
C VAL C 122 -5.14 -2.36 9.59
N ALA C 123 -4.41 -2.34 8.46
CA ALA C 123 -3.33 -1.39 8.27
C ALA C 123 -3.85 0.04 8.13
N THR C 124 -3.07 1.03 8.60
CA THR C 124 -3.48 2.41 8.46
C THR C 124 -3.03 3.00 7.13
N LEU C 125 -3.71 2.65 6.04
CA LEU C 125 -3.29 3.07 4.71
C LEU C 125 -4.04 4.37 4.43
N PRO C 126 -3.39 5.35 3.79
CA PRO C 126 -4.07 6.57 3.38
C PRO C 126 -5.14 6.22 2.34
N ILE C 127 -6.21 7.01 2.29
CA ILE C 127 -7.31 6.72 1.38
C ILE C 127 -6.81 6.47 -0.04
N ASN C 128 -5.91 7.32 -0.54
CA ASN C 128 -5.58 7.25 -1.95
C ASN C 128 -4.70 6.05 -2.29
N THR C 129 -4.17 5.35 -1.29
CA THR C 129 -3.51 4.08 -1.53
C THR C 129 -4.54 2.99 -1.89
N VAL C 130 -5.74 3.12 -1.30
CA VAL C 130 -6.81 2.16 -1.50
C VAL C 130 -7.64 2.57 -2.71
N ALA C 131 -7.91 3.88 -2.79
CA ALA C 131 -8.85 4.45 -3.73
C ALA C 131 -8.18 5.58 -4.50
N PRO C 132 -7.37 5.29 -5.54
CA PRO C 132 -6.49 6.33 -6.09
C PRO C 132 -7.14 7.54 -6.74
N GLY C 133 -8.37 7.37 -7.22
CA GLY C 133 -9.09 8.44 -7.91
C GLY C 133 -9.85 9.41 -7.02
N VAL C 134 -10.01 9.13 -5.74
CA VAL C 134 -10.87 9.95 -4.88
C VAL C 134 -10.15 11.25 -4.50
N VAL C 135 -10.86 12.40 -4.57
CA VAL C 135 -10.33 13.64 -4.07
C VAL C 135 -10.46 13.68 -2.54
N VAL C 136 -9.33 13.87 -1.86
CA VAL C 136 -9.26 13.78 -0.40
C VAL C 136 -8.67 15.08 0.15
N ASP C 137 -9.40 15.69 1.10
CA ASP C 137 -8.90 16.85 1.81
C ASP C 137 -8.87 16.54 3.29
N GLY C 138 -7.84 17.03 3.98
CA GLY C 138 -7.66 16.67 5.37
C GLY C 138 -6.19 16.39 5.65
N PRO C 139 -5.72 16.40 6.91
CA PRO C 139 -6.57 16.64 8.06
C PRO C 139 -6.85 18.12 8.30
N ALA C 140 -7.84 18.40 9.16
CA ALA C 140 -8.09 19.73 9.68
C ALA C 140 -7.31 19.87 10.99
N GLU C 141 -6.20 20.62 10.93
CA GLU C 141 -5.29 20.66 12.06
C GLU C 141 -5.99 21.19 13.31
N GLU C 142 -6.95 22.11 13.15
CA GLU C 142 -7.62 22.71 14.30
C GLU C 142 -8.40 21.69 15.10
N LEU C 143 -8.71 20.53 14.51
CA LEU C 143 -9.52 19.54 15.21
C LEU C 143 -8.69 18.41 15.79
N ALA C 144 -7.35 18.50 15.72
CA ALA C 144 -6.52 17.39 16.17
C ALA C 144 -6.66 17.12 17.66
N GLU C 145 -6.51 18.17 18.49
CA GLU C 145 -6.56 17.92 19.92
C GLU C 145 -7.95 17.46 20.35
N THR C 146 -9.02 17.98 19.73
CA THR C 146 -10.36 17.63 20.11
C THR C 146 -10.58 16.15 19.82
N MET C 147 -10.12 15.68 18.66
CA MET C 147 -10.38 14.29 18.32
C MET C 147 -9.48 13.39 19.16
N HIS C 148 -8.25 13.86 19.45
CA HIS C 148 -7.34 13.07 20.26
C HIS C 148 -8.00 12.79 21.60
N ASN C 149 -8.69 13.80 22.13
CA ASN C 149 -9.40 13.64 23.39
C ASN C 149 -10.45 12.54 23.32
N LEU C 150 -11.27 12.50 22.28
CA LEU C 150 -12.25 11.44 22.13
C LEU C 150 -11.60 10.08 21.95
N TYR C 151 -10.56 10.00 21.12
CA TYR C 151 -9.89 8.72 20.95
C TYR C 151 -9.28 8.24 22.25
N ARG C 152 -8.68 9.16 23.02
CA ARG C 152 -8.08 8.76 24.29
C ARG C 152 -9.15 8.23 25.24
N ALA C 153 -10.34 8.83 25.23
CA ALA C 153 -11.40 8.41 26.12
C ALA C 153 -11.79 6.96 25.84
N LYS C 154 -11.66 6.52 24.60
CA LYS C 154 -12.06 5.17 24.23
C LYS C 154 -10.90 4.18 24.34
N PHE C 155 -9.72 4.57 23.83
CA PHE C 155 -8.64 3.63 23.58
C PHE C 155 -7.47 3.83 24.51
N GLY C 156 -7.48 4.90 25.30
CA GLY C 156 -6.34 5.28 26.12
C GLY C 156 -6.22 4.46 27.39
N ALA D 1 -0.91 -3.81 -24.94
CA ALA D 1 0.02 -2.83 -24.32
C ALA D 1 1.47 -3.31 -24.30
N ILE D 2 1.75 -4.57 -24.65
CA ILE D 2 3.10 -5.08 -24.85
C ILE D 2 3.22 -5.45 -26.32
N SER D 3 3.88 -4.58 -27.08
CA SER D 3 4.11 -4.79 -28.50
C SER D 3 5.14 -5.89 -28.75
N ASP D 4 5.32 -6.27 -30.03
CA ASP D 4 6.39 -7.19 -30.40
C ASP D 4 7.76 -6.60 -30.10
N ALA D 5 7.95 -5.28 -30.24
CA ALA D 5 9.22 -4.66 -29.92
C ALA D 5 9.44 -4.72 -28.42
N ASP D 6 8.38 -4.54 -27.62
CA ASP D 6 8.45 -4.62 -26.17
C ASP D 6 8.98 -5.99 -25.74
N LEU D 7 8.44 -7.04 -26.36
CA LEU D 7 8.80 -8.40 -25.98
C LEU D 7 10.27 -8.67 -26.29
N LYS D 8 10.77 -8.09 -27.42
CA LYS D 8 12.18 -8.17 -27.76
C LYS D 8 13.06 -7.66 -26.61
N TYR D 9 12.70 -6.51 -26.03
CA TYR D 9 13.48 -5.93 -24.95
C TYR D 9 13.33 -6.77 -23.70
N LEU D 10 12.11 -7.26 -23.46
CA LEU D 10 11.91 -8.12 -22.29
C LEU D 10 12.73 -9.39 -22.42
N ARG D 11 12.93 -9.90 -23.65
CA ARG D 11 13.73 -11.11 -23.82
C ARG D 11 15.20 -10.80 -23.55
N ARG D 12 15.65 -9.59 -23.83
CA ARG D 12 17.00 -9.19 -23.43
C ARG D 12 17.15 -9.08 -21.91
N CYS D 13 16.12 -8.61 -21.22
CA CYS D 13 16.10 -8.58 -19.76
C CYS D 13 16.22 -9.99 -19.21
N VAL D 14 15.52 -10.98 -19.79
CA VAL D 14 15.62 -12.34 -19.31
C VAL D 14 17.06 -12.85 -19.49
N ASP D 15 17.69 -12.55 -20.63
CA ASP D 15 19.08 -12.91 -20.90
C ASP D 15 20.00 -12.28 -19.86
N LEU D 16 19.76 -11.00 -19.51
CA LEU D 16 20.55 -10.37 -18.45
C LEU D 16 20.31 -11.00 -17.07
N ALA D 17 19.08 -11.40 -16.77
CA ALA D 17 18.78 -12.10 -15.54
C ALA D 17 19.54 -13.44 -15.46
N ARG D 18 19.60 -14.16 -16.58
CA ARG D 18 20.38 -15.39 -16.69
C ARG D 18 21.88 -15.13 -16.46
N GLU D 19 22.39 -14.03 -17.04
CA GLU D 19 23.77 -13.63 -16.84
C GLU D 19 24.05 -13.43 -15.36
N ALA D 20 23.12 -12.75 -14.68
CA ALA D 20 23.26 -12.56 -13.25
C ALA D 20 23.29 -13.88 -12.49
N LEU D 21 22.37 -14.78 -12.80
CA LEU D 21 22.31 -16.09 -12.15
C LEU D 21 23.61 -16.87 -12.32
N ASP D 22 24.12 -16.85 -13.54
CA ASP D 22 25.32 -17.63 -13.86
C ASP D 22 26.53 -17.04 -13.12
N ASP D 23 26.51 -15.74 -12.82
CA ASP D 23 27.65 -15.09 -12.19
C ASP D 23 27.56 -15.15 -10.65
N GLY D 24 26.46 -15.70 -10.12
CA GLY D 24 26.35 -15.86 -8.68
C GLY D 24 25.37 -14.88 -8.04
N ASP D 25 24.77 -14.01 -8.85
CA ASP D 25 23.85 -12.98 -8.38
C ASP D 25 22.40 -13.48 -8.49
N GLU D 26 21.41 -12.60 -8.25
CA GLU D 26 20.01 -13.01 -8.36
C GLU D 26 19.50 -12.67 -9.75
N PRO D 27 18.55 -13.47 -10.28
CA PRO D 27 18.07 -13.31 -11.66
C PRO D 27 17.12 -12.16 -11.94
N PHE D 28 17.69 -10.98 -12.01
CA PHE D 28 17.00 -9.75 -12.41
C PHE D 28 17.87 -8.99 -13.40
N GLY D 29 17.26 -8.55 -14.52
CA GLY D 29 17.90 -7.72 -15.53
C GLY D 29 16.97 -6.66 -16.07
N SER D 30 17.55 -5.52 -16.47
CA SER D 30 16.74 -4.41 -16.91
C SER D 30 17.48 -3.66 -17.99
N VAL D 31 16.71 -2.97 -18.84
N VAL D 31 16.74 -3.03 -18.90
CA VAL D 31 17.21 -2.21 -19.98
CA VAL D 31 17.35 -2.16 -19.90
C VAL D 31 16.52 -0.85 -20.01
C VAL D 31 16.56 -0.86 -19.99
N LEU D 32 17.29 0.21 -20.27
CA LEU D 32 16.75 1.53 -20.44
C LEU D 32 16.81 1.90 -21.92
N VAL D 33 15.65 2.26 -22.49
CA VAL D 33 15.51 2.52 -23.92
C VAL D 33 15.01 3.93 -24.16
N ASP D 34 15.72 4.63 -25.06
CA ASP D 34 15.34 5.97 -25.47
C ASP D 34 14.04 5.97 -26.25
N HIS D 35 13.38 7.13 -26.40
CA HIS D 35 12.15 7.25 -27.18
C HIS D 35 12.38 6.91 -28.65
N THR D 36 13.66 6.97 -29.04
CA THR D 36 14.12 6.71 -30.40
C THR D 36 14.23 5.22 -30.65
N GLY D 37 14.21 4.41 -29.58
CA GLY D 37 14.35 2.97 -29.67
C GLY D 37 15.80 2.50 -29.42
N THR D 38 16.72 3.43 -29.20
CA THR D 38 18.10 3.12 -28.88
C THR D 38 18.21 2.66 -27.42
N THR D 39 18.92 1.56 -27.18
CA THR D 39 19.27 1.14 -25.84
C THR D 39 20.31 2.10 -25.28
N LEU D 40 20.06 2.65 -24.08
CA LEU D 40 20.93 3.66 -23.48
C LEU D 40 21.85 3.01 -22.44
N PHE D 41 21.33 1.99 -21.73
CA PHE D 41 22.00 1.42 -20.58
C PHE D 41 21.30 0.12 -20.23
N GLU D 42 22.10 -0.89 -19.86
CA GLU D 42 21.60 -2.21 -19.49
C GLU D 42 22.30 -2.57 -18.19
N ASP D 43 21.62 -3.29 -17.30
CA ASP D 43 22.30 -3.78 -16.10
C ASP D 43 21.58 -4.99 -15.58
N ARG D 44 22.20 -5.64 -14.58
CA ARG D 44 21.61 -6.79 -13.92
C ARG D 44 21.95 -6.73 -12.45
N ASN D 45 21.33 -7.61 -11.69
CA ASN D 45 21.51 -7.70 -10.27
C ASN D 45 22.96 -8.06 -9.91
N ARG D 46 23.50 -7.35 -8.91
CA ARG D 46 24.88 -7.48 -8.46
C ARG D 46 24.95 -7.53 -6.93
N VAL D 47 24.04 -8.27 -6.28
CA VAL D 47 23.98 -8.23 -4.84
C VAL D 47 25.00 -9.18 -4.22
N LYS D 48 25.68 -10.02 -5.01
CA LYS D 48 26.43 -11.09 -4.34
C LYS D 48 27.64 -10.57 -3.54
N ASP D 49 28.08 -9.34 -3.82
CA ASP D 49 29.25 -8.83 -3.13
C ASP D 49 28.89 -8.14 -1.83
N GLY D 50 27.61 -8.15 -1.43
CA GLY D 50 27.31 -7.71 -0.09
C GLY D 50 26.30 -6.56 0.00
N ASP D 51 25.99 -5.95 -1.15
CA ASP D 51 25.08 -4.81 -1.18
C ASP D 51 23.72 -5.23 -1.73
N ALA D 52 22.77 -5.45 -0.83
CA ALA D 52 21.48 -6.01 -1.17
C ALA D 52 20.68 -4.97 -1.96
N THR D 53 21.16 -3.72 -2.02
CA THR D 53 20.48 -2.71 -2.80
C THR D 53 20.89 -2.67 -4.27
N ALA D 54 21.77 -3.58 -4.72
CA ALA D 54 22.37 -3.55 -6.06
C ALA D 54 21.41 -4.18 -7.08
N HIS D 55 20.22 -3.55 -7.18
CA HIS D 55 19.19 -3.92 -8.14
C HIS D 55 19.40 -3.15 -9.44
N PRO D 56 19.16 -3.76 -10.61
CA PRO D 56 19.44 -3.08 -11.87
C PRO D 56 18.51 -1.90 -12.14
N GLU D 57 17.23 -1.97 -11.71
CA GLU D 57 16.35 -0.84 -11.94
C GLU D 57 16.85 0.40 -11.19
N PHE D 58 17.38 0.21 -9.99
CA PHE D 58 17.92 1.29 -9.19
C PHE D 58 19.13 1.88 -9.91
N ALA D 59 20.04 1.02 -10.38
CA ALA D 59 21.19 1.46 -11.16
C ALA D 59 20.74 2.29 -12.35
N ILE D 60 19.66 1.87 -13.03
CA ILE D 60 19.10 2.65 -14.14
C ILE D 60 18.65 4.02 -13.68
N ALA D 61 17.93 4.09 -12.57
CA ALA D 61 17.45 5.37 -12.11
C ALA D 61 18.60 6.33 -11.84
N ARG D 62 19.65 5.89 -11.15
CA ARG D 62 20.79 6.78 -10.85
C ARG D 62 21.58 7.11 -12.11
N TRP D 63 21.71 6.16 -13.02
CA TRP D 63 22.35 6.43 -14.31
C TRP D 63 21.59 7.51 -15.06
N ALA D 64 20.27 7.38 -15.14
CA ALA D 64 19.43 8.35 -15.84
C ALA D 64 19.53 9.74 -15.21
N ALA D 65 19.58 9.80 -13.88
CA ALA D 65 19.70 11.07 -13.19
C ALA D 65 21.01 11.77 -13.55
N ARG D 66 22.04 10.99 -13.83
CA ARG D 66 23.35 11.53 -14.12
C ARG D 66 23.46 11.92 -15.59
N HIS D 67 22.93 11.11 -16.52
CA HIS D 67 23.27 11.21 -17.93
C HIS D 67 22.15 11.76 -18.79
N LEU D 68 20.92 11.81 -18.29
CA LEU D 68 19.80 12.28 -19.09
C LEU D 68 19.17 13.52 -18.48
N THR D 69 18.59 14.38 -19.32
CA THR D 69 17.82 15.48 -18.80
C THR D 69 16.45 14.95 -18.33
N PRO D 70 15.73 15.71 -17.49
CA PRO D 70 14.38 15.32 -17.13
C PRO D 70 13.48 15.04 -18.32
N ASP D 71 13.55 15.85 -19.39
CA ASP D 71 12.70 15.61 -20.53
C ASP D 71 13.00 14.25 -21.16
N ARG D 72 14.28 13.87 -21.28
CA ARG D 72 14.63 12.62 -21.94
C ARG D 72 14.30 11.42 -21.04
N ARG D 73 14.40 11.60 -19.73
CA ARG D 73 14.00 10.58 -18.78
C ARG D 73 12.53 10.22 -18.93
N ALA D 74 11.70 11.26 -19.02
CA ALA D 74 10.26 11.10 -19.07
C ALA D 74 9.84 10.36 -20.34
N ARG D 75 10.63 10.47 -21.42
CA ARG D 75 10.32 9.85 -22.69
C ARG D 75 10.95 8.46 -22.85
N ALA D 76 11.76 8.05 -21.86
CA ALA D 76 12.48 6.79 -21.93
C ALA D 76 11.56 5.68 -21.39
N THR D 77 11.91 4.45 -21.73
CA THR D 77 11.20 3.27 -21.23
C THR D 77 12.17 2.37 -20.50
N VAL D 78 11.72 1.86 -19.34
CA VAL D 78 12.47 0.82 -18.68
C VAL D 78 11.77 -0.51 -18.83
N TYR D 79 12.55 -1.49 -19.30
CA TYR D 79 12.13 -2.87 -19.37
C TYR D 79 12.80 -3.63 -18.22
N THR D 80 12.09 -4.54 -17.61
CA THR D 80 12.68 -5.32 -16.53
C THR D 80 12.14 -6.75 -16.57
N SER D 81 12.98 -7.72 -16.19
CA SER D 81 12.53 -9.10 -16.15
C SER D 81 11.54 -9.30 -14.98
N GLY D 82 11.71 -8.54 -13.92
CA GLY D 82 10.83 -8.59 -12.77
C GLY D 82 10.39 -7.19 -12.35
N GLU D 83 9.13 -7.09 -11.97
CA GLU D 83 8.55 -5.83 -11.58
C GLU D 83 9.41 -5.24 -10.47
N HIS D 84 9.66 -3.94 -10.58
CA HIS D 84 10.38 -3.17 -9.58
C HIS D 84 9.85 -3.45 -8.16
N CYS D 85 10.77 -3.74 -7.27
CA CYS D 85 10.46 -3.70 -5.86
C CYS D 85 10.20 -2.24 -5.44
N PRO D 86 9.64 -1.99 -4.25
CA PRO D 86 9.33 -0.62 -3.83
C PRO D 86 10.53 0.30 -3.87
N MET D 87 11.73 -0.21 -3.58
CA MET D 87 12.93 0.63 -3.64
C MET D 87 13.10 1.20 -5.04
N CYS D 88 13.04 0.32 -5.99
CA CYS D 88 13.29 0.65 -7.38
C CYS D 88 12.16 1.47 -7.97
N ALA D 89 10.91 1.13 -7.62
CA ALA D 89 9.75 1.85 -8.12
C ALA D 89 9.82 3.30 -7.67
N ALA D 90 10.17 3.52 -6.41
CA ALA D 90 10.24 4.85 -5.84
C ALA D 90 11.41 5.62 -6.48
N ALA D 91 12.57 4.99 -6.66
CA ALA D 91 13.72 5.64 -7.30
C ALA D 91 13.37 6.08 -8.72
N HIS D 92 12.63 5.23 -9.43
CA HIS D 92 12.22 5.50 -10.79
C HIS D 92 11.37 6.75 -10.83
N ALA D 93 10.40 6.85 -9.91
CA ALA D 93 9.50 7.99 -9.85
C ALA D 93 10.24 9.23 -9.41
N TRP D 94 11.15 9.12 -8.43
CA TRP D 94 11.87 10.28 -7.97
C TRP D 94 12.69 10.94 -9.11
N VAL D 95 13.31 10.14 -9.97
CA VAL D 95 14.11 10.72 -11.05
C VAL D 95 13.25 11.11 -12.24
N GLY D 96 11.98 10.70 -12.27
CA GLY D 96 11.04 11.08 -13.30
C GLY D 96 11.18 10.28 -14.59
N LEU D 97 11.53 8.99 -14.49
CA LEU D 97 11.55 8.13 -15.65
C LEU D 97 10.13 7.81 -16.11
N GLY D 98 10.02 7.38 -17.36
CA GLY D 98 8.73 7.14 -17.99
C GLY D 98 8.21 5.74 -17.79
N ARG D 99 7.74 5.16 -18.90
CA ARG D 99 7.03 3.89 -18.91
C ARG D 99 7.90 2.78 -18.35
N ILE D 100 7.27 1.85 -17.62
CA ILE D 100 7.87 0.58 -17.20
C ILE D 100 7.13 -0.59 -17.84
N VAL D 101 7.90 -1.54 -18.35
CA VAL D 101 7.36 -2.79 -18.87
C VAL D 101 8.09 -3.93 -18.17
N TYR D 102 7.31 -4.84 -17.59
CA TYR D 102 7.93 -5.92 -16.83
C TYR D 102 7.44 -7.25 -17.34
N ALA D 103 8.30 -8.28 -17.20
CA ALA D 103 7.99 -9.62 -17.68
C ALA D 103 7.14 -10.35 -16.64
N THR D 104 7.57 -10.36 -15.40
CA THR D 104 6.82 -11.05 -14.37
C THR D 104 6.51 -10.10 -13.21
N SER D 105 5.33 -10.24 -12.64
CA SER D 105 4.90 -9.36 -11.56
C SER D 105 5.56 -9.76 -10.24
N SER D 106 5.64 -8.78 -9.35
CA SER D 106 6.18 -9.07 -8.04
C SER D 106 5.24 -9.98 -7.24
N ALA D 107 3.95 -9.98 -7.55
CA ALA D 107 2.99 -10.91 -6.96
C ALA D 107 3.28 -12.34 -7.43
N GLN D 108 3.65 -12.49 -8.70
CA GLN D 108 4.03 -13.79 -9.25
C GLN D 108 5.22 -14.29 -8.45
N LEU D 109 6.27 -13.46 -8.35
CA LEU D 109 7.48 -13.88 -7.67
C LEU D 109 7.18 -14.14 -6.20
N GLY D 110 6.39 -13.27 -5.56
CA GLY D 110 6.06 -13.43 -4.17
C GLY D 110 5.41 -14.79 -3.90
N GLY D 111 4.47 -15.16 -4.76
CA GLY D 111 3.79 -16.45 -4.74
C GLY D 111 4.79 -17.60 -4.81
N TRP D 112 5.70 -17.52 -5.79
CA TRP D 112 6.71 -18.57 -5.97
C TRP D 112 7.61 -18.64 -4.74
N LEU D 113 8.09 -17.49 -4.26
CA LEU D 113 8.94 -17.44 -3.07
C LEU D 113 8.21 -18.03 -1.86
N THR D 114 6.87 -17.83 -1.75
CA THR D 114 6.11 -18.39 -0.63
C THR D 114 6.13 -19.90 -0.72
N GLU D 115 5.87 -20.44 -1.92
CA GLU D 115 6.01 -21.87 -2.14
C GLU D 115 7.35 -22.39 -1.59
N TRP D 116 8.46 -21.62 -1.73
CA TRP D 116 9.80 -22.09 -1.39
C TRP D 116 10.24 -21.64 0.01
N GLY D 117 9.36 -20.95 0.75
CA GLY D 117 9.76 -20.34 2.03
C GLY D 117 10.94 -19.37 1.93
N ALA D 118 10.92 -18.45 0.95
CA ALA D 118 12.06 -17.57 0.72
C ALA D 118 11.60 -16.11 0.66
N GLN D 119 10.62 -15.77 1.50
CA GLN D 119 9.99 -14.46 1.46
C GLN D 119 11.01 -13.35 1.70
N ALA D 120 10.87 -12.25 0.95
CA ALA D 120 11.73 -11.09 1.16
C ALA D 120 11.29 -10.24 2.36
N PRO D 121 12.21 -9.44 2.94
CA PRO D 121 11.83 -8.45 3.97
C PRO D 121 11.10 -7.19 3.52
N VAL D 122 11.00 -7.02 2.22
CA VAL D 122 10.29 -5.89 1.62
C VAL D 122 8.98 -6.40 1.03
N ALA D 123 7.88 -5.69 1.30
CA ALA D 123 6.56 -6.09 0.79
C ALA D 123 6.50 -6.07 -0.73
N THR D 124 5.66 -6.96 -1.31
CA THR D 124 5.49 -7.03 -2.75
C THR D 124 4.38 -6.12 -3.27
N LEU D 125 4.64 -4.84 -3.26
CA LEU D 125 3.65 -3.83 -3.64
C LEU D 125 3.74 -3.63 -5.13
N PRO D 126 2.59 -3.50 -5.80
CA PRO D 126 2.62 -3.16 -7.22
C PRO D 126 3.24 -1.78 -7.40
N ILE D 127 3.86 -1.59 -8.57
CA ILE D 127 4.54 -0.33 -8.82
C ILE D 127 3.66 0.89 -8.53
N ASN D 128 2.40 0.88 -8.98
CA ASN D 128 1.60 2.09 -8.91
C ASN D 128 1.06 2.36 -7.50
N THR D 129 1.27 1.42 -6.57
CA THR D 129 1.03 1.70 -5.16
C THR D 129 2.13 2.62 -4.61
N VAL D 130 3.34 2.45 -5.14
CA VAL D 130 4.50 3.24 -4.72
C VAL D 130 4.59 4.51 -5.55
N ALA D 131 4.36 4.38 -6.85
CA ALA D 131 4.58 5.45 -7.80
C ALA D 131 3.32 5.63 -8.65
N PRO D 132 2.32 6.38 -8.16
CA PRO D 132 1.00 6.36 -8.79
C PRO D 132 0.91 6.89 -10.21
N GLY D 133 1.87 7.72 -10.62
CA GLY D 133 1.80 8.38 -11.92
C GLY D 133 2.54 7.62 -13.02
N VAL D 134 3.24 6.52 -12.73
CA VAL D 134 4.00 5.84 -13.75
C VAL D 134 3.10 4.96 -14.61
N VAL D 135 3.28 5.01 -15.95
CA VAL D 135 2.62 4.06 -16.83
C VAL D 135 3.36 2.73 -16.74
N VAL D 136 2.60 1.68 -16.40
CA VAL D 136 3.16 0.35 -16.18
C VAL D 136 2.42 -0.66 -17.07
N ASP D 137 3.20 -1.40 -17.85
CA ASP D 137 2.68 -2.51 -18.61
C ASP D 137 3.34 -3.81 -18.13
N GLY D 138 2.57 -4.89 -18.15
CA GLY D 138 3.06 -6.17 -17.67
C GLY D 138 1.99 -6.85 -16.82
N PRO D 139 2.12 -8.15 -16.52
CA PRO D 139 3.25 -8.96 -16.99
C PRO D 139 3.12 -9.42 -18.44
N ALA D 140 4.20 -10.01 -18.97
CA ALA D 140 4.16 -10.68 -20.26
C ALA D 140 3.99 -12.16 -19.98
N GLU D 141 2.78 -12.65 -20.19
CA GLU D 141 2.43 -13.99 -19.71
C GLU D 141 3.33 -15.07 -20.32
N GLU D 142 3.79 -14.84 -21.54
CA GLU D 142 4.55 -15.87 -22.23
C GLU D 142 5.97 -15.99 -21.73
N LEU D 143 6.40 -15.11 -20.79
CA LEU D 143 7.69 -15.26 -20.16
C LEU D 143 7.56 -15.84 -18.75
N ALA D 144 6.34 -16.17 -18.30
CA ALA D 144 6.14 -16.63 -16.92
C ALA D 144 7.00 -17.86 -16.61
N GLU D 145 6.86 -18.92 -17.41
CA GLU D 145 7.52 -20.17 -17.09
C GLU D 145 9.04 -20.04 -17.19
N THR D 146 9.52 -19.26 -18.15
CA THR D 146 10.95 -19.04 -18.32
C THR D 146 11.53 -18.36 -17.08
N MET D 147 10.87 -17.31 -16.59
CA MET D 147 11.35 -16.63 -15.39
C MET D 147 11.20 -17.50 -14.14
N HIS D 148 10.08 -18.25 -14.05
CA HIS D 148 9.92 -19.14 -12.90
C HIS D 148 11.13 -20.05 -12.83
N ASN D 149 11.62 -20.51 -14.02
CA ASN D 149 12.75 -21.41 -14.05
C ASN D 149 13.99 -20.73 -13.45
N LEU D 150 14.30 -19.50 -13.85
CA LEU D 150 15.44 -18.79 -13.30
C LEU D 150 15.27 -18.52 -11.81
N TYR D 151 14.09 -18.11 -11.39
CA TYR D 151 13.86 -17.87 -9.97
C TYR D 151 14.03 -19.15 -9.16
N ARG D 152 13.52 -20.26 -9.69
CA ARG D 152 13.66 -21.54 -8.98
C ARG D 152 15.12 -21.94 -8.83
N ALA D 153 15.93 -21.66 -9.85
CA ALA D 153 17.33 -22.03 -9.81
C ALA D 153 18.04 -21.32 -8.66
N LYS D 154 17.61 -20.10 -8.35
CA LYS D 154 18.26 -19.30 -7.32
C LYS D 154 17.63 -19.51 -5.96
N PHE D 155 16.30 -19.58 -5.89
CA PHE D 155 15.57 -19.47 -4.63
C PHE D 155 14.85 -20.76 -4.24
N GLY D 156 14.78 -21.73 -5.14
CA GLY D 156 14.05 -22.97 -4.90
C GLY D 156 14.98 -24.14 -4.60
OAG WHC E . -13.99 -6.95 -7.14
CAF WHC E . -14.30 -7.82 -6.32
NAH WHC E . -15.62 -8.26 -6.28
CAB WHC E . -16.06 -9.26 -5.46
OAA WHC E . -17.26 -9.62 -5.47
NAC WHC E . -15.09 -9.82 -4.59
CAD WHC E . -13.75 -9.35 -4.62
NAE WHC E . -13.37 -8.36 -5.52
C1 GOL F . -1.65 -1.80 -9.19
O1 GOL F . -2.14 -1.28 -10.43
C2 GOL F . -2.30 -1.13 -7.99
O2 GOL F . -1.41 -0.16 -7.43
C3 GOL F . -3.62 -0.46 -8.28
O3 GOL F . -4.61 -1.38 -8.75
ZN ZN G . -14.36 -7.36 -2.15
OAG WHC H . 11.39 13.03 0.26
CAF WHC H . 12.28 12.54 0.98
NAH WHC H . 13.59 13.05 0.84
CAB WHC H . 14.61 12.58 1.66
OAA WHC H . 15.76 13.05 1.58
NAC WHC H . 14.28 11.63 2.59
CAD WHC H . 12.90 11.06 2.68
NAE WHC H . 11.96 11.59 1.87
C1 GOL I . 5.72 4.77 19.31
O1 GOL I . 5.67 5.62 18.17
C2 GOL I . 5.03 5.42 20.50
O2 GOL I . 5.17 4.60 21.65
C3 GOL I . 5.55 6.83 20.75
O3 GOL I . 5.90 7.48 19.54
C1 GOL J . 30.41 8.63 18.06
O1 GOL J . 29.35 8.90 18.97
C2 GOL J . 30.76 9.86 17.24
O2 GOL J . 31.62 10.69 18.02
C3 GOL J . 31.42 9.55 15.92
O3 GOL J . 30.86 10.28 14.83
ZN ZN K . 13.84 8.55 0.89
OAG WHC L . -11.65 2.16 12.77
CAF WHC L . -12.45 2.87 12.18
NAH WHC L . -13.77 2.83 12.70
CAB WHC L . -14.74 3.63 12.03
OAA WHC L . -15.87 3.60 12.51
NAC WHC L . -14.43 4.40 10.95
CAD WHC L . -13.01 4.38 10.46
NAE WHC L . -12.12 3.59 11.09
C1 GOL M . -28.83 10.03 16.18
O1 GOL M . -28.76 8.89 17.05
C2 GOL M . -28.20 9.70 14.84
O2 GOL M . -28.15 10.85 13.99
C3 GOL M . -26.81 9.14 14.98
O3 GOL M . -26.16 9.04 13.71
ZN ZN N . -13.90 2.08 8.27
OAG WHC O . 17.35 -6.98 -8.41
CAF WHC O . 16.16 -6.97 -8.02
NAH WHC O . 15.85 -7.68 -6.84
CAB WHC O . 14.49 -7.65 -6.42
OAA WHC O . 14.25 -8.29 -5.40
NAC WHC O . 13.54 -6.95 -7.05
CAD WHC O . 13.87 -6.21 -8.22
NAE WHC O . 15.19 -6.21 -8.69
ZN ZN P . 14.44 -3.39 -6.60
#